data_2M7X
#
_entry.id   2M7X
#
_entity_poly.entity_id   1
_entity_poly.type   'polypeptide(L)'
_entity_poly.pdbx_seq_one_letter_code
;GSKKKLFPQINFLGSLLIAGCITSTDPVLSALIVGKKK
;
_entity_poly.pdbx_strand_id   A
#
# COMPACT_ATOMS: atom_id res chain seq x y z
N LEU A 6 2.11 11.69 20.22
CA LEU A 6 2.65 11.89 18.87
C LEU A 6 2.81 10.55 18.16
N PHE A 7 3.00 10.61 16.84
CA PHE A 7 3.17 9.40 16.06
C PHE A 7 4.65 9.09 15.86
N PRO A 8 4.97 7.87 15.48
CA PRO A 8 6.38 7.44 15.27
C PRO A 8 6.99 8.10 14.03
N GLN A 9 8.28 7.87 13.83
CA GLN A 9 8.98 8.45 12.68
C GLN A 9 8.74 7.60 11.43
N ILE A 10 8.42 6.33 11.64
CA ILE A 10 8.16 5.42 10.53
C ILE A 10 6.72 5.52 10.07
N ASN A 11 6.06 6.62 10.43
CA ASN A 11 4.68 6.84 10.05
C ASN A 11 4.56 7.05 8.55
N PHE A 12 5.49 7.82 7.99
CA PHE A 12 5.48 8.09 6.55
C PHE A 12 5.62 6.80 5.76
N LEU A 13 6.71 6.08 6.00
CA LEU A 13 6.95 4.83 5.30
C LEU A 13 5.86 3.81 5.61
N GLY A 14 5.36 3.85 6.85
CA GLY A 14 4.30 2.93 7.26
C GLY A 14 3.03 3.18 6.47
N SER A 15 2.65 4.45 6.33
CA SER A 15 1.44 4.81 5.59
C SER A 15 1.60 4.48 4.12
N LEU A 16 2.85 4.34 3.67
CA LEU A 16 3.12 4.03 2.27
C LEU A 16 2.62 2.63 1.93
N LEU A 17 2.87 1.68 2.83
CA LEU A 17 2.44 0.31 2.61
C LEU A 17 0.92 0.22 2.58
N ILE A 18 0.28 0.91 3.53
CA ILE A 18 -1.18 0.90 3.61
C ILE A 18 -1.79 1.64 2.42
N ALA A 19 -1.29 2.86 2.17
CA ALA A 19 -1.80 3.66 1.07
C ALA A 19 -1.65 2.90 -0.25
N GLY A 20 -0.65 2.04 -0.32
CA GLY A 20 -0.42 1.25 -1.53
C GLY A 20 -1.69 0.53 -1.97
N CYS A 21 -2.40 -0.04 -1.00
CA CYS A 21 -3.64 -0.75 -1.31
C CYS A 21 -4.70 0.22 -1.84
N ILE A 22 -4.79 1.39 -1.21
CA ILE A 22 -5.77 2.38 -1.63
C ILE A 22 -5.47 2.86 -3.04
N THR A 23 -4.18 3.03 -3.35
CA THR A 23 -3.77 3.48 -4.68
C THR A 23 -4.23 2.50 -5.75
N SER A 24 -3.70 1.28 -5.69
CA SER A 24 -4.06 0.26 -6.67
C SER A 24 -3.41 0.54 -8.02
N THR A 25 -3.33 1.82 -8.37
CA THR A 25 -2.72 2.22 -9.64
C THR A 25 -1.27 2.64 -9.44
N ASP A 26 -1.01 3.93 -9.54
CA ASP A 26 0.33 4.45 -9.37
C ASP A 26 0.30 5.92 -8.96
N PRO A 27 1.38 6.44 -8.45
CA PRO A 27 1.48 7.86 -8.02
C PRO A 27 0.74 8.79 -8.97
N VAL A 28 0.42 9.99 -8.49
CA VAL A 28 -0.28 10.98 -9.31
C VAL A 28 0.64 11.53 -10.39
N LEU A 29 1.94 11.37 -10.20
CA LEU A 29 2.91 11.86 -11.17
C LEU A 29 2.85 11.04 -12.45
N SER A 30 2.64 9.73 -12.30
CA SER A 30 2.56 8.84 -13.46
C SER A 30 1.47 9.32 -14.42
N ALA A 31 0.41 9.90 -13.87
CA ALA A 31 -0.68 10.40 -14.69
C ALA A 31 -0.23 11.56 -15.57
N LEU A 32 0.74 12.32 -15.06
CA LEU A 32 1.26 13.46 -15.81
C LEU A 32 2.06 12.99 -17.01
N ILE A 33 2.88 11.96 -16.81
CA ILE A 33 3.69 11.42 -17.89
C ILE A 33 2.83 10.69 -18.91
N VAL A 34 1.74 10.09 -18.42
CA VAL A 34 0.83 9.36 -19.30
C VAL A 34 1.58 8.24 -20.03
N GLY A 35 0.84 7.22 -20.45
CA GLY A 35 1.45 6.10 -21.17
C GLY A 35 1.93 6.53 -22.54
N LEU A 6 6.53 -5.76 1.95
CA LEU A 6 7.90 -5.42 2.28
C LEU A 6 7.97 -4.76 3.64
N PHE A 7 7.28 -5.35 4.62
CA PHE A 7 7.26 -4.83 5.98
C PHE A 7 8.60 -4.17 6.36
N PRO A 8 8.69 -2.86 6.26
CA PRO A 8 9.95 -2.14 6.60
C PRO A 8 10.08 -1.88 8.10
N GLN A 9 11.29 -1.56 8.54
CA GLN A 9 11.54 -1.29 9.95
C GLN A 9 10.90 0.03 10.35
N ILE A 10 11.22 1.09 9.61
CA ILE A 10 10.68 2.41 9.90
C ILE A 10 9.16 2.40 9.76
N ASN A 11 8.47 2.58 10.89
CA ASN A 11 7.01 2.59 10.88
C ASN A 11 6.49 3.82 10.15
N PHE A 12 7.33 4.84 10.02
CA PHE A 12 6.94 6.07 9.35
C PHE A 12 6.57 5.78 7.89
N LEU A 13 7.55 5.34 7.11
CA LEU A 13 7.32 5.03 5.71
C LEU A 13 6.31 3.90 5.56
N GLY A 14 6.30 3.00 6.55
CA GLY A 14 5.37 1.87 6.52
C GLY A 14 3.93 2.34 6.38
N SER A 15 3.69 3.59 6.78
CA SER A 15 2.35 4.16 6.69
C SER A 15 1.92 4.32 5.24
N LEU A 16 2.87 4.71 4.39
CA LEU A 16 2.59 4.90 2.97
C LEU A 16 2.24 3.57 2.31
N LEU A 17 2.78 2.48 2.86
CA LEU A 17 2.53 1.16 2.31
C LEU A 17 1.05 0.79 2.46
N ILE A 18 0.43 1.30 3.51
CA ILE A 18 -0.99 1.03 3.76
C ILE A 18 -1.85 1.70 2.71
N ALA A 19 -1.69 3.01 2.56
CA ALA A 19 -2.46 3.76 1.57
C ALA A 19 -2.28 3.17 0.18
N GLY A 20 -1.18 2.44 -0.01
CA GLY A 20 -0.89 1.82 -1.29
C GLY A 20 -2.08 1.00 -1.79
N CYS A 21 -2.94 0.61 -0.85
CA CYS A 21 -4.11 -0.18 -1.20
C CYS A 21 -5.07 0.62 -2.08
N ILE A 22 -4.93 1.94 -2.04
CA ILE A 22 -5.78 2.81 -2.84
C ILE A 22 -5.55 2.57 -4.34
N THR A 23 -4.32 2.24 -4.68
CA THR A 23 -3.97 1.99 -6.09
C THR A 23 -4.78 0.82 -6.63
N SER A 24 -5.29 -0.03 -5.73
CA SER A 24 -6.08 -1.18 -6.13
C SER A 24 -7.33 -0.75 -6.88
N THR A 25 -8.45 -1.37 -6.57
CA THR A 25 -9.71 -1.04 -7.23
C THR A 25 -9.60 -1.25 -8.73
N ASP A 26 -10.37 -2.20 -9.25
CA ASP A 26 -10.35 -2.50 -10.68
C ASP A 26 -11.76 -2.76 -11.19
N PRO A 27 -11.96 -2.69 -12.48
CA PRO A 27 -13.29 -2.92 -13.10
C PRO A 27 -13.72 -4.39 -13.02
N VAL A 28 -13.26 -5.20 -13.97
CA VAL A 28 -13.60 -6.61 -13.98
C VAL A 28 -12.47 -7.43 -14.58
N LEU A 29 -11.38 -6.76 -14.93
CA LEU A 29 -10.22 -7.43 -15.51
C LEU A 29 -9.54 -8.31 -14.46
N SER A 30 -9.42 -7.79 -13.25
CA SER A 30 -8.77 -8.53 -12.17
C SER A 30 -9.47 -9.88 -11.97
N ALA A 31 -10.75 -9.94 -12.31
CA ALA A 31 -11.51 -11.17 -12.15
C ALA A 31 -10.98 -12.25 -13.10
N LEU A 32 -10.59 -11.83 -14.30
CA LEU A 32 -10.06 -12.76 -15.29
C LEU A 32 -8.70 -13.30 -14.85
N ILE A 33 -7.92 -12.44 -14.19
CA ILE A 33 -6.60 -12.83 -13.73
C ILE A 33 -6.70 -13.81 -12.57
N VAL A 34 -7.50 -13.43 -11.56
CA VAL A 34 -7.69 -14.27 -10.38
C VAL A 34 -6.45 -15.08 -10.05
N GLY A 35 -5.53 -14.48 -9.29
CA GLY A 35 -4.30 -15.15 -8.92
C GLY A 35 -4.58 -16.30 -7.95
N LEU A 6 6.13 9.92 19.04
CA LEU A 6 6.90 10.79 18.17
C LEU A 6 6.38 10.71 16.74
N PHE A 7 7.06 11.40 15.82
CA PHE A 7 6.66 11.39 14.42
C PHE A 7 7.87 11.20 13.52
N PRO A 8 8.45 10.03 13.53
CA PRO A 8 9.64 9.71 12.70
C PRO A 8 9.27 9.38 11.26
N GLN A 9 10.28 9.06 10.45
CA GLN A 9 10.04 8.73 9.05
C GLN A 9 9.43 7.34 8.93
N ILE A 10 9.91 6.41 9.75
CA ILE A 10 9.40 5.05 9.72
C ILE A 10 7.88 5.04 9.57
N ASN A 11 7.23 6.05 10.15
CA ASN A 11 5.77 6.15 10.08
C ASN A 11 5.33 6.46 8.65
N PHE A 12 6.01 7.41 8.02
CA PHE A 12 5.68 7.79 6.66
C PHE A 12 5.84 6.60 5.71
N LEU A 13 7.01 5.97 5.78
CA LEU A 13 7.29 4.82 4.91
C LEU A 13 6.30 3.69 5.22
N GLY A 14 5.87 3.59 6.46
CA GLY A 14 4.94 2.55 6.87
C GLY A 14 3.51 2.89 6.42
N SER A 15 3.17 4.17 6.46
CA SER A 15 1.84 4.62 6.06
C SER A 15 1.66 4.42 4.56
N LEU A 16 2.76 4.42 3.82
CA LEU A 16 2.70 4.25 2.38
C LEU A 16 2.21 2.85 2.03
N LEU A 17 2.51 1.89 2.89
CA LEU A 17 2.10 0.51 2.66
C LEU A 17 0.57 0.40 2.68
N ILE A 18 -0.05 1.06 3.66
CA ILE A 18 -1.51 1.04 3.77
C ILE A 18 -2.16 1.77 2.61
N ALA A 19 -1.80 3.05 2.45
CA ALA A 19 -2.37 3.86 1.37
C ALA A 19 -2.09 3.19 0.02
N GLY A 20 -0.92 2.58 -0.10
CA GLY A 20 -0.56 1.91 -1.35
C GLY A 20 -1.62 0.89 -1.76
N CYS A 21 -2.42 0.47 -0.78
CA CYS A 21 -3.47 -0.51 -1.06
C CYS A 21 -4.52 0.08 -1.99
N ILE A 22 -5.21 1.12 -1.52
CA ILE A 22 -6.24 1.76 -2.33
C ILE A 22 -5.64 2.39 -3.58
N THR A 23 -4.34 2.67 -3.52
CA THR A 23 -3.65 3.28 -4.66
C THR A 23 -3.72 2.36 -5.87
N SER A 24 -3.61 1.05 -5.64
CA SER A 24 -3.67 0.08 -6.72
C SER A 24 -2.75 0.50 -7.87
N THR A 25 -3.20 0.24 -9.09
CA THR A 25 -2.41 0.60 -10.27
C THR A 25 -1.92 2.04 -10.16
N ASP A 26 -0.64 2.24 -10.42
CA ASP A 26 -0.05 3.57 -10.36
C ASP A 26 -0.08 4.25 -11.74
N PRO A 27 0.08 5.54 -11.78
CA PRO A 27 0.07 6.31 -13.06
C PRO A 27 1.31 6.02 -13.91
N VAL A 28 1.52 6.85 -14.93
CA VAL A 28 2.67 6.68 -15.81
C VAL A 28 3.96 6.65 -15.00
N LEU A 29 3.85 6.92 -13.70
CA LEU A 29 5.02 6.93 -12.84
C LEU A 29 5.56 5.52 -12.65
N SER A 30 4.72 4.53 -12.93
CA SER A 30 5.13 3.13 -12.79
C SER A 30 6.37 2.85 -13.63
N ALA A 31 6.60 3.69 -14.65
CA ALA A 31 7.75 3.52 -15.52
C ALA A 31 9.04 3.75 -14.74
N LEU A 32 8.93 4.45 -13.61
CA LEU A 32 10.10 4.74 -12.79
C LEU A 32 10.62 3.47 -12.13
N ILE A 33 9.75 2.81 -11.35
CA ILE A 33 10.14 1.59 -10.68
C ILE A 33 10.29 0.45 -11.67
N VAL A 34 9.52 0.50 -12.75
CA VAL A 34 9.58 -0.54 -13.78
C VAL A 34 10.54 -0.14 -14.89
N GLY A 35 11.41 -1.07 -15.29
CA GLY A 35 12.37 -0.80 -16.35
C GLY A 35 11.67 -0.63 -17.69
N LEU A 6 6.81 -5.95 4.79
CA LEU A 6 5.71 -5.68 5.71
C LEU A 6 6.22 -5.52 7.14
N PHE A 7 5.70 -4.53 7.85
CA PHE A 7 6.11 -4.28 9.22
C PHE A 7 7.60 -3.96 9.28
N PRO A 8 8.01 -2.90 8.61
CA PRO A 8 9.44 -2.48 8.59
C PRO A 8 9.88 -1.84 9.91
N GLN A 9 11.09 -1.29 9.92
CA GLN A 9 11.62 -0.65 11.13
C GLN A 9 10.97 0.72 11.32
N ILE A 10 10.99 1.54 10.28
CA ILE A 10 10.41 2.87 10.36
C ILE A 10 8.89 2.80 10.26
N ASN A 11 8.22 3.09 11.37
CA ASN A 11 6.76 3.07 11.40
C ASN A 11 6.18 4.18 10.53
N PHE A 12 6.93 5.26 10.38
CA PHE A 12 6.49 6.38 9.57
C PHE A 12 6.26 5.96 8.12
N LEU A 13 7.27 5.34 7.54
CA LEU A 13 7.18 4.87 6.16
C LEU A 13 6.07 3.83 6.01
N GLY A 14 5.90 3.02 7.05
CA GLY A 14 4.87 1.98 7.03
C GLY A 14 3.51 2.56 6.64
N SER A 15 3.35 3.87 6.86
CA SER A 15 2.10 4.53 6.53
C SER A 15 1.89 4.56 5.02
N LEU A 16 2.95 4.85 4.29
CA LEU A 16 2.88 4.90 2.84
C LEU A 16 2.59 3.53 2.26
N LEU A 17 2.87 2.49 3.05
CA LEU A 17 2.63 1.13 2.60
C LEU A 17 1.14 0.88 2.38
N ILE A 18 0.32 1.46 3.26
CA ILE A 18 -1.12 1.30 3.15
C ILE A 18 -1.65 1.99 1.90
N ALA A 19 -0.97 3.06 1.49
CA ALA A 19 -1.38 3.81 0.30
C ALA A 19 -1.46 2.88 -0.91
N GLY A 20 -0.79 1.74 -0.83
CA GLY A 20 -0.79 0.79 -1.92
C GLY A 20 -2.17 0.18 -2.12
N CYS A 21 -2.86 -0.08 -1.01
CA CYS A 21 -4.20 -0.66 -1.07
C CYS A 21 -5.17 0.32 -1.72
N ILE A 22 -5.01 1.60 -1.42
CA ILE A 22 -5.88 2.62 -1.98
C ILE A 22 -5.72 2.69 -3.50
N THR A 23 -4.48 2.58 -3.97
CA THR A 23 -4.22 2.63 -5.40
C THR A 23 -4.92 1.50 -6.12
N SER A 24 -4.51 0.26 -5.82
CA SER A 24 -5.12 -0.91 -6.44
C SER A 24 -5.33 -0.67 -7.93
N THR A 25 -6.60 -0.58 -8.35
CA THR A 25 -6.91 -0.36 -9.75
C THR A 25 -7.07 1.13 -10.03
N ASP A 26 -7.04 1.50 -11.31
CA ASP A 26 -7.18 2.90 -11.71
C ASP A 26 -6.37 3.79 -10.78
N PRO A 27 -5.07 3.78 -10.92
CA PRO A 27 -4.16 4.60 -10.08
C PRO A 27 -4.49 6.10 -10.16
N VAL A 28 -4.31 6.68 -11.35
CA VAL A 28 -4.59 8.09 -11.57
C VAL A 28 -4.31 8.92 -10.32
N LEU A 29 -3.22 8.58 -9.62
CA LEU A 29 -2.86 9.30 -8.41
C LEU A 29 -2.40 10.72 -8.74
N SER A 30 -1.98 10.92 -9.98
CA SER A 30 -1.52 12.24 -10.42
C SER A 30 -2.60 13.29 -10.18
N ALA A 31 -3.86 12.85 -10.16
CA ALA A 31 -4.98 13.76 -9.94
C ALA A 31 -4.93 14.34 -8.54
N LEU A 32 -4.72 13.47 -7.54
CA LEU A 32 -4.65 13.91 -6.16
C LEU A 32 -3.38 14.71 -5.91
N ILE A 33 -2.31 14.34 -6.61
CA ILE A 33 -1.04 15.05 -6.46
C ILE A 33 -1.10 16.42 -7.09
N VAL A 34 -2.07 16.61 -8.00
CA VAL A 34 -2.24 17.89 -8.67
C VAL A 34 -0.95 18.29 -9.37
N GLY A 35 -1.06 19.23 -10.32
CA GLY A 35 0.09 19.70 -11.07
C GLY A 35 1.04 20.48 -10.16
N LEU A 6 0.82 -10.30 1.67
CA LEU A 6 -0.09 -10.23 2.80
C LEU A 6 -0.02 -8.85 3.46
N PHE A 7 1.09 -8.59 4.15
CA PHE A 7 1.27 -7.31 4.82
C PHE A 7 2.70 -6.81 4.63
N PRO A 8 2.94 -5.54 4.87
CA PRO A 8 4.30 -4.94 4.73
C PRO A 8 5.25 -5.42 5.82
N GLN A 9 6.55 -5.34 5.54
CA GLN A 9 7.55 -5.77 6.50
C GLN A 9 7.87 -4.63 7.47
N ILE A 10 8.25 -3.48 6.94
CA ILE A 10 8.58 -2.32 7.77
C ILE A 10 7.31 -1.67 8.30
N ASN A 11 7.11 -1.78 9.61
CA ASN A 11 5.93 -1.19 10.24
C ASN A 11 5.99 0.33 10.18
N PHE A 12 7.20 0.87 10.25
CA PHE A 12 7.39 2.33 10.21
C PHE A 12 6.85 2.90 8.90
N LEU A 13 7.50 2.56 7.80
CA LEU A 13 7.08 3.05 6.49
C LEU A 13 5.67 2.55 6.16
N GLY A 14 5.28 1.46 6.79
CA GLY A 14 3.96 0.88 6.55
C GLY A 14 2.89 1.98 6.49
N SER A 15 3.22 3.15 7.04
CA SER A 15 2.28 4.26 7.04
C SER A 15 2.03 4.76 5.63
N LEU A 16 3.04 5.39 5.03
CA LEU A 16 2.92 5.91 3.68
C LEU A 16 2.76 4.77 2.67
N LEU A 17 3.27 3.59 3.04
CA LEU A 17 3.20 2.43 2.17
C LEU A 17 1.74 2.02 1.95
N ILE A 18 0.87 2.45 2.86
CA ILE A 18 -0.56 2.13 2.76
C ILE A 18 -1.18 2.81 1.55
N ALA A 19 -0.53 3.87 1.08
CA ALA A 19 -1.03 4.62 -0.07
C ALA A 19 -1.24 3.69 -1.26
N GLY A 20 -0.57 2.54 -1.23
CA GLY A 20 -0.68 1.57 -2.32
C GLY A 20 -1.95 0.74 -2.18
N CYS A 21 -2.46 0.64 -0.96
CA CYS A 21 -3.68 -0.12 -0.70
C CYS A 21 -4.87 0.52 -1.39
N ILE A 22 -4.74 1.79 -1.73
CA ILE A 22 -5.81 2.52 -2.40
C ILE A 22 -6.08 1.92 -3.77
N THR A 23 -5.08 1.25 -4.33
CA THR A 23 -5.23 0.64 -5.64
C THR A 23 -6.33 -0.41 -5.63
N SER A 24 -6.65 -0.91 -4.44
CA SER A 24 -7.70 -1.92 -4.30
C SER A 24 -7.17 -3.29 -4.70
N THR A 25 -7.42 -4.28 -3.85
CA THR A 25 -6.97 -5.64 -4.12
C THR A 25 -7.97 -6.66 -3.59
N ASP A 26 -8.03 -7.81 -4.24
CA ASP A 26 -8.96 -8.86 -3.82
C ASP A 26 -10.31 -8.27 -3.43
N PRO A 27 -11.02 -7.73 -4.39
CA PRO A 27 -12.35 -7.11 -4.16
C PRO A 27 -13.26 -8.01 -3.33
N VAL A 28 -14.45 -7.50 -3.00
CA VAL A 28 -15.40 -8.26 -2.20
C VAL A 28 -16.48 -8.86 -3.10
N LEU A 29 -16.82 -8.16 -4.17
CA LEU A 29 -17.83 -8.63 -5.10
C LEU A 29 -17.33 -9.86 -5.87
N SER A 30 -16.28 -9.67 -6.66
CA SER A 30 -15.72 -10.76 -7.45
C SER A 30 -15.34 -11.92 -6.54
N ALA A 31 -15.08 -11.61 -5.26
CA ALA A 31 -14.70 -12.64 -4.30
C ALA A 31 -15.86 -13.60 -4.07
N LEU A 32 -17.08 -13.12 -4.28
CA LEU A 32 -18.27 -13.95 -4.09
C LEU A 32 -18.34 -15.03 -5.16
N ILE A 33 -17.90 -14.69 -6.37
CA ILE A 33 -17.92 -15.63 -7.47
C ILE A 33 -16.89 -16.73 -7.27
N VAL A 34 -15.88 -16.43 -6.45
CA VAL A 34 -14.82 -17.40 -6.19
C VAL A 34 -14.21 -17.91 -7.49
N GLY A 35 -14.75 -19.00 -8.00
CA GLY A 35 -14.26 -19.58 -9.25
C GLY A 35 -13.23 -20.68 -8.96
N LEU A 6 7.95 -6.54 0.62
CA LEU A 6 9.14 -7.31 0.26
C LEU A 6 10.18 -7.25 1.37
N PHE A 7 10.89 -6.14 1.45
CA PHE A 7 11.91 -5.97 2.48
C PHE A 7 12.43 -4.53 2.48
N PRO A 8 11.57 -3.58 2.72
CA PRO A 8 11.94 -2.14 2.77
C PRO A 8 12.72 -1.77 4.02
N GLN A 9 13.60 -0.79 3.91
CA GLN A 9 14.41 -0.36 5.04
C GLN A 9 13.64 0.65 5.89
N ILE A 10 13.24 1.76 5.29
CA ILE A 10 12.49 2.79 5.99
C ILE A 10 11.22 2.20 6.61
N ASN A 11 11.25 2.02 7.92
CA ASN A 11 10.09 1.47 8.62
C ASN A 11 8.93 2.46 8.60
N PHE A 12 9.24 3.74 8.63
CA PHE A 12 8.22 4.78 8.60
C PHE A 12 7.40 4.69 7.32
N LEU A 13 7.96 4.05 6.31
CA LEU A 13 7.28 3.90 5.03
C LEU A 13 5.99 3.10 5.21
N GLY A 14 6.01 2.14 6.14
CA GLY A 14 4.85 1.31 6.40
C GLY A 14 3.57 2.14 6.39
N SER A 15 3.69 3.41 6.80
CA SER A 15 2.54 4.30 6.83
C SER A 15 2.03 4.58 5.41
N LEU A 16 2.93 5.03 4.56
CA LEU A 16 2.56 5.34 3.18
C LEU A 16 2.17 4.07 2.43
N LEU A 17 2.69 2.94 2.90
CA LEU A 17 2.39 1.66 2.26
C LEU A 17 0.90 1.33 2.39
N ILE A 18 0.26 1.92 3.40
CA ILE A 18 -1.16 1.69 3.62
C ILE A 18 -1.99 2.29 2.48
N ALA A 19 -1.87 3.60 2.30
CA ALA A 19 -2.61 4.29 1.25
C ALA A 19 -2.31 3.66 -0.11
N GLY A 20 -1.19 2.94 -0.20
CA GLY A 20 -0.81 2.30 -1.45
C GLY A 20 -1.77 1.16 -1.78
N CYS A 21 -2.48 0.67 -0.78
CA CYS A 21 -3.44 -0.41 -0.98
C CYS A 21 -4.58 0.04 -1.86
N ILE A 22 -5.00 1.30 -1.69
CA ILE A 22 -6.10 1.84 -2.48
C ILE A 22 -5.72 1.90 -3.96
N THR A 23 -4.43 2.05 -4.23
CA THR A 23 -3.95 2.11 -5.60
C THR A 23 -4.28 0.81 -6.34
N SER A 24 -4.36 -0.28 -5.59
CA SER A 24 -4.67 -1.59 -6.19
C SER A 24 -5.82 -1.46 -7.19
N THR A 25 -5.89 -2.42 -8.10
CA THR A 25 -6.95 -2.40 -9.12
C THR A 25 -7.48 -3.81 -9.36
N ASP A 26 -7.12 -4.39 -10.49
CA ASP A 26 -7.57 -5.74 -10.82
C ASP A 26 -6.62 -6.78 -10.23
N PRO A 27 -7.05 -8.01 -10.15
CA PRO A 27 -6.23 -9.12 -9.60
C PRO A 27 -4.75 -9.01 -10.01
N VAL A 28 -3.89 -9.72 -9.30
CA VAL A 28 -2.47 -9.69 -9.60
C VAL A 28 -1.87 -11.09 -9.52
N LEU A 29 -0.81 -11.32 -10.29
CA LEU A 29 -0.16 -12.62 -10.30
C LEU A 29 0.55 -12.89 -8.97
N SER A 30 0.95 -11.81 -8.31
CA SER A 30 1.63 -11.93 -7.02
C SER A 30 0.78 -12.73 -6.03
N ALA A 31 -0.52 -12.80 -6.30
CA ALA A 31 -1.43 -13.54 -5.44
C ALA A 31 -1.11 -15.03 -5.47
N LEU A 32 -0.41 -15.46 -6.51
CA LEU A 32 -0.05 -16.86 -6.64
C LEU A 32 0.99 -17.25 -5.59
N ILE A 33 2.15 -16.59 -5.63
CA ILE A 33 3.22 -16.86 -4.69
C ILE A 33 2.85 -16.36 -3.30
N VAL A 34 2.73 -15.04 -3.17
CA VAL A 34 2.38 -14.43 -1.89
C VAL A 34 3.49 -14.66 -0.87
N GLY A 35 3.10 -14.95 0.37
CA GLY A 35 4.07 -15.19 1.43
C GLY A 35 3.38 -15.71 2.69
N LEU A 6 6.14 -6.07 16.79
CA LEU A 6 7.31 -5.35 17.30
C LEU A 6 7.16 -3.85 17.07
N PHE A 7 8.20 -3.09 17.39
CA PHE A 7 8.17 -1.64 17.22
C PHE A 7 9.46 -1.14 16.58
N PRO A 8 9.68 -1.46 15.34
CA PRO A 8 10.90 -1.06 14.59
C PRO A 8 10.81 0.39 14.09
N GLN A 9 11.90 0.88 13.51
CA GLN A 9 11.93 2.24 13.00
C GLN A 9 11.25 2.32 11.64
N ILE A 10 11.41 1.27 10.84
CA ILE A 10 10.80 1.23 9.51
C ILE A 10 9.28 1.21 9.62
N ASN A 11 8.78 1.29 10.86
CA ASN A 11 7.35 1.29 11.09
C ASN A 11 6.70 2.56 10.54
N PHE A 12 7.46 3.65 10.55
CA PHE A 12 6.96 4.92 10.06
C PHE A 12 6.58 4.82 8.59
N LEU A 13 7.45 4.20 7.79
CA LEU A 13 7.19 4.02 6.37
C LEU A 13 5.94 3.19 6.15
N GLY A 14 5.54 2.43 7.16
CA GLY A 14 4.35 1.59 7.07
C GLY A 14 3.14 2.41 6.65
N SER A 15 3.19 3.71 6.91
CA SER A 15 2.09 4.60 6.57
C SER A 15 1.95 4.71 5.05
N LEU A 16 3.07 4.89 4.36
CA LEU A 16 3.06 5.01 2.91
C LEU A 16 2.64 3.69 2.27
N LEU A 17 2.76 2.60 3.03
CA LEU A 17 2.39 1.28 2.53
C LEU A 17 0.90 1.22 2.19
N ILE A 18 0.08 1.88 3.01
CA ILE A 18 -1.36 1.89 2.78
C ILE A 18 -1.70 2.65 1.51
N ALA A 19 -0.82 3.57 1.12
CA ALA A 19 -1.04 4.37 -0.08
C ALA A 19 -1.25 3.47 -1.29
N GLY A 20 -0.41 2.44 -1.42
CA GLY A 20 -0.52 1.52 -2.54
C GLY A 20 -1.73 0.61 -2.37
N CYS A 21 -2.09 0.32 -1.13
CA CYS A 21 -3.24 -0.54 -0.86
C CYS A 21 -4.53 0.13 -1.32
N ILE A 22 -4.60 1.45 -1.14
CA ILE A 22 -5.79 2.20 -1.54
C ILE A 22 -5.98 2.13 -3.05
N THR A 23 -4.88 2.23 -3.79
CA THR A 23 -4.94 2.18 -5.24
C THR A 23 -5.53 0.85 -5.71
N SER A 24 -5.32 -0.20 -4.91
CA SER A 24 -5.82 -1.52 -5.25
C SER A 24 -7.12 -1.81 -4.50
N THR A 25 -7.80 -2.87 -4.91
CA THR A 25 -9.05 -3.25 -4.27
C THR A 25 -8.94 -3.14 -2.75
N ASP A 26 -10.08 -3.21 -2.06
CA ASP A 26 -10.09 -3.12 -0.61
C ASP A 26 -9.93 -4.51 0.01
N PRO A 27 -9.53 -4.57 1.26
CA PRO A 27 -9.35 -5.86 1.98
C PRO A 27 -10.67 -6.57 2.23
N VAL A 28 -10.58 -7.89 2.46
CA VAL A 28 -11.78 -8.68 2.71
C VAL A 28 -12.00 -8.85 4.21
N LEU A 29 -12.83 -7.99 4.78
CA LEU A 29 -13.12 -8.06 6.21
C LEU A 29 -13.94 -9.30 6.54
N SER A 30 -14.72 -9.77 5.57
CA SER A 30 -15.53 -10.96 5.76
C SER A 30 -14.68 -12.15 6.19
N ALA A 31 -13.38 -12.06 5.92
CA ALA A 31 -12.46 -13.12 6.28
C ALA A 31 -12.36 -13.24 7.81
N LEU A 32 -12.46 -12.11 8.49
CA LEU A 32 -12.38 -12.10 9.95
C LEU A 32 -13.62 -12.76 10.56
N ILE A 33 -14.71 -12.76 9.81
CA ILE A 33 -15.96 -13.36 10.29
C ILE A 33 -15.84 -14.88 10.31
N VAL A 34 -15.77 -15.49 9.14
CA VAL A 34 -15.65 -16.93 9.04
C VAL A 34 -16.74 -17.61 9.87
N GLY A 35 -17.86 -17.93 9.23
CA GLY A 35 -18.98 -18.59 9.90
C GLY A 35 -19.10 -18.14 11.35
N LEU A 6 -0.82 -7.95 6.95
CA LEU A 6 -0.71 -6.62 7.51
C LEU A 6 0.57 -6.47 8.32
N PHE A 7 0.69 -5.37 9.06
CA PHE A 7 1.87 -5.12 9.87
C PHE A 7 3.11 -5.08 8.99
N PRO A 8 3.22 -4.07 8.16
CA PRO A 8 4.39 -3.91 7.25
C PRO A 8 5.72 -4.07 7.98
N GLN A 9 6.82 -4.03 7.22
CA GLN A 9 8.14 -4.18 7.80
C GLN A 9 8.49 -2.96 8.66
N ILE A 10 8.68 -1.82 8.00
CA ILE A 10 9.02 -0.60 8.71
C ILE A 10 7.76 0.10 9.22
N ASN A 11 7.79 0.55 10.47
CA ASN A 11 6.65 1.23 11.05
C ASN A 11 6.41 2.59 10.38
N PHE A 12 7.51 3.31 10.15
CA PHE A 12 7.41 4.62 9.52
C PHE A 12 6.81 4.49 8.12
N LEU A 13 7.55 3.88 7.21
CA LEU A 13 7.08 3.71 5.84
C LEU A 13 5.82 2.84 5.81
N GLY A 14 5.68 1.99 6.82
CA GLY A 14 4.51 1.12 6.90
C GLY A 14 3.23 1.90 6.69
N SER A 15 3.14 3.07 7.32
CA SER A 15 1.96 3.91 7.19
C SER A 15 1.83 4.44 5.76
N LEU A 16 2.92 4.97 5.23
CA LEU A 16 2.92 5.51 3.88
C LEU A 16 2.69 4.39 2.85
N LEU A 17 3.09 3.18 3.23
CA LEU A 17 2.94 2.04 2.33
C LEU A 17 1.46 1.75 2.08
N ILE A 18 0.60 2.26 2.96
CA ILE A 18 -0.83 2.05 2.82
C ILE A 18 -1.36 2.80 1.59
N ALA A 19 -0.64 3.83 1.18
CA ALA A 19 -1.04 4.63 0.03
C ALA A 19 -1.22 3.73 -1.19
N GLY A 20 -0.58 2.57 -1.17
CA GLY A 20 -0.68 1.63 -2.29
C GLY A 20 -1.95 0.79 -2.19
N CYS A 21 -2.48 0.68 -0.98
CA CYS A 21 -3.69 -0.09 -0.75
C CYS A 21 -4.88 0.56 -1.46
N ILE A 22 -4.75 1.85 -1.77
CA ILE A 22 -5.82 2.56 -2.45
C ILE A 22 -6.05 2.00 -3.84
N THR A 23 -4.97 1.57 -4.48
CA THR A 23 -5.07 1.02 -5.83
C THR A 23 -5.94 -0.24 -5.82
N SER A 24 -5.98 -0.92 -4.68
CA SER A 24 -6.78 -2.13 -4.56
C SER A 24 -6.12 -3.29 -5.28
N THR A 25 -5.73 -3.05 -6.54
CA THR A 25 -5.09 -4.08 -7.34
C THR A 25 -3.60 -4.15 -7.03
N ASP A 26 -2.96 -5.25 -7.41
CA ASP A 26 -1.54 -5.44 -7.16
C ASP A 26 -0.74 -5.11 -8.42
N PRO A 27 0.54 -4.85 -8.26
CA PRO A 27 1.43 -4.52 -9.41
C PRO A 27 1.10 -5.34 -10.65
N VAL A 28 1.59 -4.89 -11.81
CA VAL A 28 1.34 -5.58 -13.06
C VAL A 28 1.67 -7.07 -12.92
N LEU A 29 1.31 -7.85 -13.93
CA LEU A 29 1.58 -9.28 -13.91
C LEU A 29 3.07 -9.56 -14.01
N SER A 30 3.79 -8.67 -14.68
CA SER A 30 5.23 -8.82 -14.84
C SER A 30 5.91 -8.95 -13.48
N ALA A 31 5.44 -8.18 -12.51
CA ALA A 31 5.99 -8.22 -11.17
C ALA A 31 5.75 -9.57 -10.52
N LEU A 32 4.74 -10.29 -11.03
CA LEU A 32 4.41 -11.60 -10.48
C LEU A 32 5.51 -12.61 -10.81
N ILE A 33 6.04 -12.53 -12.02
CA ILE A 33 7.09 -13.44 -12.44
C ILE A 33 8.40 -13.12 -11.72
N VAL A 34 8.95 -11.95 -12.01
CA VAL A 34 10.21 -11.54 -11.38
C VAL A 34 9.92 -10.68 -10.16
N GLY A 35 10.72 -9.64 -9.94
CA GLY A 35 10.53 -8.76 -8.80
C GLY A 35 11.42 -9.19 -7.64
N LEU A 6 8.52 12.31 -2.85
CA LEU A 6 9.92 12.70 -2.69
C LEU A 6 10.73 11.54 -2.12
N PHE A 7 10.16 10.35 -2.16
CA PHE A 7 10.84 9.17 -1.64
C PHE A 7 11.29 9.39 -0.20
N PRO A 8 10.36 9.65 0.68
CA PRO A 8 10.66 9.89 2.12
C PRO A 8 11.04 8.61 2.86
N GLN A 9 12.22 8.62 3.49
CA GLN A 9 12.68 7.44 4.22
C GLN A 9 12.11 7.44 5.63
N ILE A 10 11.67 8.60 6.09
CA ILE A 10 11.12 8.73 7.44
C ILE A 10 10.15 7.58 7.72
N ASN A 11 9.72 7.46 8.97
CA ASN A 11 8.80 6.40 9.36
C ASN A 11 7.43 6.61 8.71
N PHE A 12 7.16 7.84 8.28
CA PHE A 12 5.89 8.15 7.64
C PHE A 12 5.69 7.30 6.40
N LEU A 13 6.78 6.75 5.86
CA LEU A 13 6.71 5.92 4.68
C LEU A 13 5.86 4.67 4.95
N GLY A 14 5.93 4.18 6.18
CA GLY A 14 5.16 2.99 6.55
C GLY A 14 3.70 3.14 6.16
N SER A 15 3.25 4.39 6.05
CA SER A 15 1.86 4.66 5.69
C SER A 15 1.59 4.22 4.25
N LEU A 16 2.62 4.29 3.41
CA LEU A 16 2.49 3.90 2.02
C LEU A 16 2.21 2.40 1.90
N LEU A 17 2.55 1.67 2.95
CA LEU A 17 2.33 0.22 2.96
C LEU A 17 0.84 -0.10 2.89
N ILE A 18 0.10 0.32 3.92
CA ILE A 18 -1.34 0.07 3.96
C ILE A 18 -2.04 0.88 2.89
N ALA A 19 -1.73 2.16 2.82
CA ALA A 19 -2.35 3.04 1.83
C ALA A 19 -2.15 2.50 0.42
N GLY A 20 -1.09 1.70 0.25
CA GLY A 20 -0.79 1.12 -1.05
C GLY A 20 -2.04 0.49 -1.67
N CYS A 21 -3.02 0.20 -0.83
CA CYS A 21 -4.27 -0.41 -1.30
C CYS A 21 -5.03 0.56 -2.20
N ILE A 22 -5.36 1.72 -1.66
CA ILE A 22 -6.08 2.73 -2.43
C ILE A 22 -5.24 3.22 -3.60
N THR A 23 -3.94 3.36 -3.36
CA THR A 23 -3.04 3.83 -4.41
C THR A 23 -3.04 2.87 -5.60
N SER A 24 -3.41 1.62 -5.33
CA SER A 24 -3.46 0.61 -6.39
C SER A 24 -2.05 0.12 -6.73
N THR A 25 -1.19 1.06 -7.11
CA THR A 25 0.19 0.71 -7.46
C THR A 25 0.97 0.29 -6.22
N ASP A 26 2.01 -0.50 -6.44
CA ASP A 26 2.84 -0.97 -5.33
C ASP A 26 4.26 -1.29 -5.81
N PRO A 27 5.19 -1.40 -4.90
CA PRO A 27 6.60 -1.71 -5.24
C PRO A 27 6.72 -2.72 -6.38
N VAL A 28 7.91 -2.81 -6.98
CA VAL A 28 8.13 -3.74 -8.07
C VAL A 28 7.56 -5.11 -7.74
N LEU A 29 7.49 -5.99 -8.74
CA LEU A 29 6.97 -7.33 -8.53
C LEU A 29 7.90 -8.15 -7.67
N SER A 30 9.16 -7.73 -7.59
CA SER A 30 10.15 -8.43 -6.79
C SER A 30 9.68 -8.56 -5.35
N ALA A 31 9.08 -7.49 -4.82
CA ALA A 31 8.59 -7.50 -3.45
C ALA A 31 7.44 -8.49 -3.30
N LEU A 32 6.82 -8.85 -4.43
CA LEU A 32 5.71 -9.80 -4.40
C LEU A 32 6.20 -11.20 -4.05
N ILE A 33 7.11 -11.72 -4.87
CA ILE A 33 7.67 -13.05 -4.64
C ILE A 33 8.59 -13.05 -3.42
N VAL A 34 9.12 -11.87 -3.10
CA VAL A 34 10.01 -11.75 -1.96
C VAL A 34 11.19 -12.73 -2.08
N GLY A 35 12.22 -12.51 -1.27
CA GLY A 35 13.39 -13.38 -1.30
C GLY A 35 13.05 -14.77 -0.77
N LEU A 6 -0.13 10.66 11.46
CA LEU A 6 0.12 10.96 10.06
C LEU A 6 0.37 12.45 9.87
N PHE A 7 1.60 12.80 9.50
CA PHE A 7 1.95 14.19 9.28
C PHE A 7 3.42 14.32 8.87
N PRO A 8 4.32 13.65 9.57
CA PRO A 8 5.78 13.72 9.26
C PRO A 8 6.07 13.27 7.83
N GLN A 9 7.31 13.49 7.38
CA GLN A 9 7.70 13.10 6.03
C GLN A 9 8.06 11.62 5.99
N ILE A 10 8.73 11.14 7.02
CA ILE A 10 9.13 9.74 7.09
C ILE A 10 7.91 8.86 7.33
N ASN A 11 6.82 9.47 7.79
CA ASN A 11 5.60 8.72 8.06
C ASN A 11 4.98 8.22 6.75
N PHE A 12 5.35 8.85 5.65
CA PHE A 12 4.83 8.47 4.34
C PHE A 12 5.21 7.02 4.02
N LEU A 13 6.30 6.55 4.63
CA LEU A 13 6.75 5.19 4.41
C LEU A 13 5.69 4.18 4.87
N GLY A 14 5.46 4.16 6.18
CA GLY A 14 4.47 3.24 6.74
C GLY A 14 3.11 3.45 6.10
N SER A 15 2.82 4.70 5.75
CA SER A 15 1.53 5.02 5.13
C SER A 15 1.44 4.38 3.74
N LEU A 16 2.57 4.28 3.06
CA LEU A 16 2.61 3.68 1.73
C LEU A 16 2.25 2.21 1.80
N LEU A 17 2.58 1.58 2.93
CA LEU A 17 2.29 0.16 3.11
C LEU A 17 0.79 -0.09 3.09
N ILE A 18 0.09 0.52 4.05
CA ILE A 18 -1.36 0.35 4.13
C ILE A 18 -2.05 1.01 2.94
N ALA A 19 -1.90 2.32 2.82
CA ALA A 19 -2.51 3.06 1.73
C ALA A 19 -2.08 2.48 0.38
N GLY A 20 -0.95 1.77 0.39
CA GLY A 20 -0.44 1.17 -0.84
C GLY A 20 -1.56 0.54 -1.66
N CYS A 21 -2.49 -0.12 -0.97
CA CYS A 21 -3.61 -0.76 -1.65
C CYS A 21 -4.52 0.29 -2.28
N ILE A 22 -4.95 1.26 -1.47
CA ILE A 22 -5.84 2.32 -1.96
C ILE A 22 -5.11 3.17 -3.00
N THR A 23 -3.79 3.20 -2.93
CA THR A 23 -2.99 3.97 -3.86
C THR A 23 -3.21 3.48 -5.29
N SER A 24 -3.47 2.18 -5.42
CA SER A 24 -3.70 1.59 -6.74
C SER A 24 -2.55 1.92 -7.69
N THR A 25 -2.72 2.98 -8.48
CA THR A 25 -1.70 3.39 -9.43
C THR A 25 -0.47 3.91 -8.69
N ASP A 26 0.64 3.20 -8.81
CA ASP A 26 1.87 3.60 -8.15
C ASP A 26 2.60 4.67 -8.96
N PRO A 27 3.50 5.39 -8.35
CA PRO A 27 4.27 6.46 -9.04
C PRO A 27 4.64 6.07 -10.47
N VAL A 28 5.01 7.07 -11.27
CA VAL A 28 5.40 6.82 -12.66
C VAL A 28 6.92 6.79 -12.80
N LEU A 29 7.57 7.83 -12.30
CA LEU A 29 9.02 7.91 -12.38
C LEU A 29 9.67 6.88 -11.47
N SER A 30 9.31 6.92 -10.19
CA SER A 30 9.86 5.97 -9.22
C SER A 30 9.61 4.53 -9.67
N ALA A 31 8.64 4.36 -10.57
CA ALA A 31 8.32 3.02 -11.08
C ALA A 31 9.48 2.44 -11.87
N LEU A 32 10.38 3.31 -12.33
CA LEU A 32 11.53 2.86 -13.10
C LEU A 32 12.50 2.09 -12.21
N ILE A 33 12.84 2.68 -11.06
CA ILE A 33 13.76 2.05 -10.13
C ILE A 33 13.10 0.85 -9.45
N VAL A 34 11.79 0.92 -9.28
CA VAL A 34 11.05 -0.16 -8.65
C VAL A 34 11.46 -1.51 -9.24
N GLY A 35 11.54 -2.53 -8.40
CA GLY A 35 11.91 -3.86 -8.85
C GLY A 35 11.73 -4.89 -7.73
N LEU A 6 1.47 -7.81 2.86
CA LEU A 6 0.50 -7.91 3.95
C LEU A 6 1.15 -7.52 5.28
N PHE A 7 0.86 -6.32 5.75
CA PHE A 7 1.43 -5.85 7.01
C PHE A 7 2.93 -6.08 7.04
N PRO A 8 3.66 -5.39 6.21
CA PRO A 8 5.14 -5.52 6.14
C PRO A 8 5.80 -5.46 7.52
N GLN A 9 7.11 -5.64 7.54
CA GLN A 9 7.84 -5.62 8.81
C GLN A 9 8.07 -4.18 9.27
N ILE A 10 8.39 -3.31 8.33
CA ILE A 10 8.64 -1.91 8.65
C ILE A 10 7.32 -1.20 8.98
N ASN A 11 7.01 -1.11 10.26
CA ASN A 11 5.78 -0.45 10.70
C ASN A 11 5.84 1.04 10.42
N PHE A 12 7.05 1.61 10.44
CA PHE A 12 7.22 3.03 10.18
C PHE A 12 6.73 3.38 8.78
N LEU A 13 7.41 2.84 7.77
CA LEU A 13 7.03 3.11 6.38
C LEU A 13 5.62 2.61 6.11
N GLY A 14 5.23 1.53 6.79
CA GLY A 14 3.91 0.95 6.60
C GLY A 14 2.86 2.05 6.49
N SER A 15 3.17 3.23 7.00
CA SER A 15 2.25 4.35 6.95
C SER A 15 2.02 4.81 5.52
N LEU A 16 3.06 5.39 4.92
CA LEU A 16 2.97 5.87 3.54
C LEU A 16 2.79 4.71 2.58
N LEU A 17 3.31 3.54 2.96
CA LEU A 17 3.21 2.35 2.12
C LEU A 17 1.75 1.94 1.95
N ILE A 18 0.90 2.41 2.85
CA ILE A 18 -0.53 2.08 2.79
C ILE A 18 -1.18 2.73 1.58
N ALA A 19 -0.52 3.76 1.04
CA ALA A 19 -1.04 4.46 -0.13
C ALA A 19 -1.27 3.49 -1.28
N GLY A 20 -0.62 2.34 -1.21
CA GLY A 20 -0.75 1.33 -2.25
C GLY A 20 -2.05 0.54 -2.09
N CYS A 21 -2.57 0.53 -0.85
CA CYS A 21 -3.80 -0.19 -0.57
C CYS A 21 -4.98 0.46 -1.30
N ILE A 22 -4.87 1.75 -1.55
CA ILE A 22 -5.93 2.47 -2.24
C ILE A 22 -6.10 1.95 -3.67
N THR A 23 -5.00 1.92 -4.41
CA THR A 23 -5.03 1.43 -5.79
C THR A 23 -5.48 -0.02 -5.84
N SER A 24 -4.66 -0.91 -5.30
CA SER A 24 -4.98 -2.34 -5.28
C SER A 24 -5.23 -2.84 -6.70
N THR A 25 -5.11 -4.15 -6.89
CA THR A 25 -5.34 -4.75 -8.20
C THR A 25 -6.76 -5.27 -8.31
N ASP A 26 -7.65 -4.43 -8.83
CA ASP A 26 -9.05 -4.80 -9.00
C ASP A 26 -9.19 -5.84 -10.12
N PRO A 27 -10.29 -6.56 -10.14
CA PRO A 27 -10.54 -7.60 -11.18
C PRO A 27 -10.76 -6.99 -12.56
N VAL A 28 -11.20 -7.82 -13.50
CA VAL A 28 -11.45 -7.35 -14.85
C VAL A 28 -12.75 -7.94 -15.39
N LEU A 29 -13.14 -9.10 -14.87
CA LEU A 29 -14.37 -9.75 -15.31
C LEU A 29 -15.58 -8.95 -14.84
N SER A 30 -15.48 -8.36 -13.66
CA SER A 30 -16.58 -7.58 -13.11
C SER A 30 -17.00 -6.48 -14.08
N ALA A 31 -16.02 -5.85 -14.72
CA ALA A 31 -16.30 -4.79 -15.68
C ALA A 31 -17.03 -5.34 -16.89
N LEU A 32 -16.82 -6.63 -17.17
CA LEU A 32 -17.47 -7.26 -18.31
C LEU A 32 -18.97 -7.41 -18.06
N ILE A 33 -19.32 -7.85 -16.86
CA ILE A 33 -20.73 -8.02 -16.52
C ILE A 33 -21.41 -6.67 -16.34
N VAL A 34 -20.87 -5.85 -15.44
CA VAL A 34 -21.44 -4.53 -15.19
C VAL A 34 -20.33 -3.52 -14.92
N GLY A 35 -20.29 -2.48 -15.75
CA GLY A 35 -19.27 -1.45 -15.60
C GLY A 35 -19.51 -0.63 -14.34
N LEU A 6 12.37 2.97 -2.43
CA LEU A 6 12.60 1.62 -1.93
C LEU A 6 11.68 1.32 -0.74
N PHE A 7 11.85 0.14 -0.15
CA PHE A 7 11.03 -0.25 1.00
C PHE A 7 11.90 -0.91 2.07
N PRO A 8 12.72 -0.14 2.72
CA PRO A 8 13.62 -0.65 3.79
C PRO A 8 12.87 -1.49 4.82
N GLN A 9 13.58 -1.92 5.86
CA GLN A 9 12.96 -2.73 6.91
C GLN A 9 12.09 -1.86 7.82
N ILE A 10 12.36 -0.57 7.83
CA ILE A 10 11.60 0.36 8.66
C ILE A 10 10.11 0.06 8.57
N ASN A 11 9.58 -0.60 9.59
CA ASN A 11 8.16 -0.95 9.61
C ASN A 11 7.31 0.30 9.74
N PHE A 12 7.90 1.38 10.23
CA PHE A 12 7.18 2.63 10.40
C PHE A 12 6.68 3.15 9.06
N LEU A 13 7.40 2.82 8.00
CA LEU A 13 7.02 3.25 6.65
C LEU A 13 5.66 2.68 6.27
N GLY A 14 5.28 1.59 6.93
CA GLY A 14 4.00 0.95 6.66
C GLY A 14 2.89 2.00 6.49
N SER A 15 3.13 3.19 7.02
CA SER A 15 2.15 4.26 6.93
C SER A 15 1.99 4.72 5.49
N LEU A 16 3.08 5.22 4.91
CA LEU A 16 3.05 5.69 3.53
C LEU A 16 2.81 4.53 2.57
N LEU A 17 3.17 3.32 3.01
CA LEU A 17 2.99 2.14 2.18
C LEU A 17 1.51 1.88 1.93
N ILE A 18 0.67 2.44 2.77
CA ILE A 18 -0.77 2.28 2.63
C ILE A 18 -1.28 2.98 1.37
N ALA A 19 -0.50 3.94 0.89
CA ALA A 19 -0.88 4.68 -0.31
C ALA A 19 -1.10 3.73 -1.48
N GLY A 20 -0.47 2.56 -1.42
CA GLY A 20 -0.62 1.57 -2.47
C GLY A 20 -1.86 0.71 -2.26
N CYS A 21 -2.27 0.60 -1.00
CA CYS A 21 -3.45 -0.19 -0.66
C CYS A 21 -4.71 0.44 -1.25
N ILE A 22 -4.64 1.74 -1.51
CA ILE A 22 -5.79 2.45 -2.07
C ILE A 22 -6.11 1.93 -3.47
N THR A 23 -5.10 1.37 -4.13
CA THR A 23 -5.28 0.83 -5.47
C THR A 23 -6.33 -0.29 -5.47
N SER A 24 -6.55 -0.87 -4.30
CA SER A 24 -7.52 -1.95 -4.16
C SER A 24 -6.99 -3.23 -4.83
N THR A 25 -5.74 -3.57 -4.53
CA THR A 25 -5.14 -4.76 -5.10
C THR A 25 -5.51 -6.00 -4.28
N ASP A 26 -4.50 -6.79 -3.92
CA ASP A 26 -4.73 -7.99 -3.13
C ASP A 26 -3.48 -8.35 -2.33
N PRO A 27 -3.14 -7.54 -1.38
CA PRO A 27 -1.94 -7.77 -0.51
C PRO A 27 -1.88 -9.19 0.02
N VAL A 28 -0.86 -9.47 0.83
CA VAL A 28 -0.70 -10.81 1.40
C VAL A 28 -1.39 -10.90 2.75
N LEU A 29 -2.72 -10.80 2.75
CA LEU A 29 -3.48 -10.87 3.99
C LEU A 29 -3.44 -12.28 4.57
N SER A 30 -3.13 -13.25 3.72
CA SER A 30 -3.06 -14.64 4.16
C SER A 30 -2.07 -14.79 5.30
N ALA A 31 -1.16 -13.82 5.43
CA ALA A 31 -0.16 -13.85 6.49
C ALA A 31 -0.83 -13.69 7.86
N LEU A 32 -1.80 -12.78 7.94
CA LEU A 32 -2.51 -12.54 9.18
C LEU A 32 -3.40 -13.74 9.54
N ILE A 33 -4.09 -14.26 8.53
CA ILE A 33 -4.97 -15.40 8.74
C ILE A 33 -4.16 -16.66 8.99
N VAL A 34 -2.94 -16.68 8.49
CA VAL A 34 -2.06 -17.85 8.67
C VAL A 34 -2.65 -19.07 7.96
N GLY A 35 -1.97 -19.52 6.92
CA GLY A 35 -2.43 -20.68 6.17
C GLY A 35 -2.32 -21.95 7.01
N LEU A 6 10.38 15.62 0.61
CA LEU A 6 10.45 14.18 0.46
C LEU A 6 9.76 13.47 1.63
N PHE A 7 8.80 12.61 1.32
CA PHE A 7 8.07 11.88 2.35
C PHE A 7 9.03 11.38 3.42
N PRO A 8 8.53 11.03 4.57
CA PRO A 8 9.36 10.53 5.70
C PRO A 8 9.94 9.15 5.42
N GLN A 9 11.12 9.12 4.80
CA GLN A 9 11.77 7.86 4.47
C GLN A 9 11.95 7.00 5.73
N ILE A 10 11.89 7.65 6.89
CA ILE A 10 12.05 6.94 8.15
C ILE A 10 11.02 5.82 8.26
N ASN A 11 10.79 5.36 9.49
CA ASN A 11 9.82 4.29 9.73
C ASN A 11 8.40 4.77 9.44
N PHE A 12 8.22 6.08 9.44
CA PHE A 12 6.90 6.67 9.19
C PHE A 12 6.41 6.28 7.79
N LEU A 13 7.35 5.89 6.93
CA LEU A 13 7.00 5.50 5.58
C LEU A 13 6.07 4.29 5.58
N GLY A 14 6.20 3.46 6.62
CA GLY A 14 5.37 2.27 6.73
C GLY A 14 3.90 2.60 6.52
N SER A 15 3.54 3.84 6.83
CA SER A 15 2.15 4.28 6.66
C SER A 15 1.77 4.31 5.19
N LEU A 16 2.69 4.82 4.35
CA LEU A 16 2.43 4.90 2.93
C LEU A 16 2.32 3.51 2.31
N LEU A 17 2.88 2.52 3.01
CA LEU A 17 2.85 1.15 2.52
C LEU A 17 1.41 0.64 2.47
N ILE A 18 0.65 0.93 3.52
CA ILE A 18 -0.75 0.50 3.58
C ILE A 18 -1.58 1.23 2.54
N ALA A 19 -1.17 2.46 2.22
CA ALA A 19 -1.90 3.25 1.23
C ALA A 19 -2.02 2.50 -0.09
N GLY A 20 -1.11 1.55 -0.29
CA GLY A 20 -1.12 0.75 -1.53
C GLY A 20 -2.54 0.32 -1.88
N CYS A 21 -3.42 0.32 -0.88
CA CYS A 21 -4.81 -0.07 -1.11
C CYS A 21 -5.50 0.92 -2.03
N ILE A 22 -5.22 2.20 -1.84
CA ILE A 22 -5.84 3.24 -2.67
C ILE A 22 -5.39 3.09 -4.12
N THR A 23 -4.18 2.57 -4.32
CA THR A 23 -3.65 2.38 -5.66
C THR A 23 -4.54 1.43 -6.46
N SER A 24 -5.28 0.59 -5.75
CA SER A 24 -6.17 -0.37 -6.40
C SER A 24 -7.00 0.31 -7.48
N THR A 25 -7.00 -0.27 -8.67
CA THR A 25 -7.77 0.29 -9.78
C THR A 25 -8.32 -0.81 -10.67
N ASP A 26 -7.64 -1.07 -11.78
CA ASP A 26 -8.07 -2.11 -12.71
C ASP A 26 -6.88 -2.92 -13.20
N PRO A 27 -6.25 -3.66 -12.33
CA PRO A 27 -5.08 -4.50 -12.67
C PRO A 27 -5.30 -5.33 -13.94
N VAL A 28 -4.29 -5.42 -14.77
CA VAL A 28 -4.39 -6.18 -16.01
C VAL A 28 -4.54 -7.67 -15.71
N LEU A 29 -5.28 -8.37 -16.57
CA LEU A 29 -5.49 -9.80 -16.38
C LEU A 29 -4.21 -10.57 -16.62
N SER A 30 -3.29 -9.97 -17.37
CA SER A 30 -2.01 -10.61 -17.66
C SER A 30 -1.30 -10.99 -16.38
N ALA A 31 -1.66 -10.33 -15.29
CA ALA A 31 -1.04 -10.59 -13.99
C ALA A 31 -1.39 -12.00 -13.52
N LEU A 32 -2.58 -12.47 -13.90
CA LEU A 32 -3.02 -13.81 -13.51
C LEU A 32 -2.20 -14.88 -14.22
N ILE A 33 -1.72 -14.54 -15.42
CA ILE A 33 -0.93 -15.48 -16.20
C ILE A 33 0.46 -15.65 -15.58
N VAL A 34 1.13 -14.54 -15.33
CA VAL A 34 2.47 -14.59 -14.74
C VAL A 34 2.38 -14.52 -13.22
N GLY A 35 1.20 -14.83 -12.68
CA GLY A 35 0.99 -14.80 -11.23
C GLY A 35 1.79 -15.90 -10.55
N LEU A 6 3.65 -9.28 9.62
CA LEU A 6 3.26 -8.09 10.37
C LEU A 6 4.45 -7.52 11.13
N PHE A 7 4.30 -6.30 11.62
CA PHE A 7 5.37 -5.65 12.37
C PHE A 7 6.72 -5.87 11.67
N PRO A 8 6.84 -5.41 10.46
CA PRO A 8 8.09 -5.56 9.66
C PRO A 8 9.20 -4.62 10.15
N GLN A 9 10.27 -4.51 9.37
CA GLN A 9 11.38 -3.64 9.73
C GLN A 9 11.07 -2.19 9.36
N ILE A 10 10.88 -1.93 8.07
CA ILE A 10 10.58 -0.59 7.61
C ILE A 10 9.20 -0.16 8.08
N ASN A 11 9.05 0.00 9.39
CA ASN A 11 7.77 0.41 9.95
C ASN A 11 7.45 1.85 9.57
N PHE A 12 8.48 2.61 9.23
CA PHE A 12 8.30 4.01 8.85
C PHE A 12 7.42 4.11 7.61
N LEU A 13 7.87 3.50 6.51
CA LEU A 13 7.11 3.53 5.27
C LEU A 13 5.76 2.84 5.45
N GLY A 14 5.65 2.01 6.48
CA GLY A 14 4.41 1.30 6.75
C GLY A 14 3.20 2.22 6.56
N SER A 15 3.37 3.49 6.91
CA SER A 15 2.29 4.46 6.76
C SER A 15 1.97 4.68 5.29
N LEU A 16 2.99 4.99 4.50
CA LEU A 16 2.80 5.23 3.08
C LEU A 16 2.36 3.96 2.37
N LEU A 17 2.62 2.81 3.00
CA LEU A 17 2.24 1.52 2.43
C LEU A 17 0.72 1.41 2.32
N ILE A 18 0.02 2.14 3.18
CA ILE A 18 -1.45 2.11 3.17
C ILE A 18 -1.98 2.76 1.90
N ALA A 19 -1.54 3.99 1.64
CA ALA A 19 -1.99 4.71 0.46
C ALA A 19 -1.70 3.91 -0.81
N GLY A 20 -0.78 2.96 -0.70
CA GLY A 20 -0.42 2.12 -1.84
C GLY A 20 -1.45 1.01 -2.04
N CYS A 21 -1.90 0.41 -0.94
CA CYS A 21 -2.88 -0.66 -1.01
C CYS A 21 -4.21 -0.14 -1.54
N ILE A 22 -4.46 1.15 -1.34
CA ILE A 22 -5.69 1.76 -1.80
C ILE A 22 -5.78 1.72 -3.31
N THR A 23 -4.84 2.40 -3.98
CA THR A 23 -4.83 2.42 -5.44
C THR A 23 -4.66 1.01 -6.00
N SER A 24 -3.47 0.44 -5.82
CA SER A 24 -3.20 -0.89 -6.32
C SER A 24 -1.85 -1.39 -5.82
N THR A 25 -1.68 -1.42 -4.49
CA THR A 25 -0.42 -1.87 -3.91
C THR A 25 0.75 -1.03 -4.42
N ASP A 26 1.87 -1.12 -3.73
CA ASP A 26 3.05 -0.36 -4.13
C ASP A 26 3.73 -1.03 -5.34
N PRO A 27 4.55 -0.30 -6.05
CA PRO A 27 5.26 -0.82 -7.24
C PRO A 27 6.32 -1.86 -6.88
N VAL A 28 6.92 -2.47 -7.89
CA VAL A 28 7.94 -3.48 -7.67
C VAL A 28 9.33 -2.88 -7.78
N LEU A 29 9.67 -2.00 -6.84
CA LEU A 29 10.98 -1.36 -6.85
C LEU A 29 12.08 -2.37 -6.53
N SER A 30 11.75 -3.34 -5.68
CA SER A 30 12.72 -4.37 -5.30
C SER A 30 13.27 -5.07 -6.54
N ALA A 31 12.53 -4.98 -7.64
CA ALA A 31 12.95 -5.62 -8.88
C ALA A 31 14.22 -4.96 -9.41
N LEU A 32 14.37 -3.66 -9.16
CA LEU A 32 15.54 -2.94 -9.62
C LEU A 32 16.78 -3.37 -8.85
N ILE A 33 16.76 -3.15 -7.54
CA ILE A 33 17.90 -3.52 -6.69
C ILE A 33 17.97 -5.05 -6.55
N VAL A 34 16.85 -5.72 -6.82
CA VAL A 34 16.81 -7.18 -6.71
C VAL A 34 17.03 -7.61 -5.27
N GLY A 35 16.31 -8.65 -4.85
CA GLY A 35 16.44 -9.16 -3.49
C GLY A 35 15.66 -10.47 -3.33
N LEU A 6 6.44 -0.42 18.78
CA LEU A 6 7.67 0.10 19.39
C LEU A 6 7.63 1.62 19.46
N PHE A 7 6.49 2.20 19.12
CA PHE A 7 6.34 3.65 19.14
C PHE A 7 7.28 4.31 18.14
N PRO A 8 7.13 3.98 16.88
CA PRO A 8 7.99 4.55 15.80
C PRO A 8 7.63 6.01 15.49
N GLN A 9 8.65 6.80 15.16
CA GLN A 9 8.43 8.21 14.85
C GLN A 9 7.96 8.37 13.40
N ILE A 10 8.79 7.91 12.47
CA ILE A 10 8.45 8.01 11.05
C ILE A 10 7.25 7.14 10.72
N ASN A 11 6.07 7.57 11.17
CA ASN A 11 4.84 6.82 10.92
C ASN A 11 4.49 6.84 9.43
N PHE A 12 4.99 7.86 8.73
CA PHE A 12 4.72 7.99 7.30
C PHE A 12 5.27 6.78 6.54
N LEU A 13 6.24 6.11 7.15
CA LEU A 13 6.84 4.94 6.52
C LEU A 13 5.80 3.84 6.32
N GLY A 14 5.17 3.42 7.41
CA GLY A 14 4.15 2.38 7.33
C GLY A 14 2.97 2.82 6.48
N SER A 15 2.72 4.13 6.47
CA SER A 15 1.61 4.66 5.68
C SER A 15 1.89 4.51 4.19
N LEU A 16 3.16 4.39 3.84
CA LEU A 16 3.55 4.22 2.44
C LEU A 16 3.04 2.89 1.90
N LEU A 17 3.26 1.82 2.67
CA LEU A 17 2.83 0.50 2.25
C LEU A 17 1.31 0.44 2.18
N ILE A 18 0.64 1.03 3.16
CA ILE A 18 -0.82 1.04 3.19
C ILE A 18 -1.38 1.90 2.05
N ALA A 19 -0.65 2.96 1.72
CA ALA A 19 -1.08 3.86 0.65
C ALA A 19 -1.29 3.08 -0.65
N GLY A 20 -0.68 1.91 -0.73
CA GLY A 20 -0.80 1.08 -1.92
C GLY A 20 -2.15 0.37 -1.97
N CYS A 21 -2.79 0.26 -0.80
CA CYS A 21 -4.08 -0.40 -0.71
C CYS A 21 -5.15 0.40 -1.45
N ILE A 22 -5.31 1.66 -1.08
CA ILE A 22 -6.29 2.53 -1.72
C ILE A 22 -5.93 2.75 -3.19
N THR A 23 -4.63 2.65 -3.50
CA THR A 23 -4.17 2.84 -4.87
C THR A 23 -4.81 1.81 -5.80
N SER A 24 -4.94 0.58 -5.30
CA SER A 24 -5.54 -0.48 -6.10
C SER A 24 -6.48 -1.33 -5.25
N THR A 25 -7.72 -1.46 -5.71
CA THR A 25 -8.72 -2.24 -4.98
C THR A 25 -9.94 -2.50 -5.85
N ASP A 26 -9.77 -2.33 -7.17
CA ASP A 26 -10.87 -2.55 -8.10
C ASP A 26 -10.34 -3.01 -9.46
N PRO A 27 -9.66 -4.12 -9.48
CA PRO A 27 -9.08 -4.68 -10.74
C PRO A 27 -10.15 -5.29 -11.64
N VAL A 28 -10.45 -4.59 -12.74
CA VAL A 28 -11.46 -5.08 -13.68
C VAL A 28 -10.84 -6.05 -14.68
N LEU A 29 -9.62 -6.51 -14.38
CA LEU A 29 -8.94 -7.45 -15.25
C LEU A 29 -9.63 -8.81 -15.24
N SER A 30 -10.16 -9.17 -14.07
CA SER A 30 -10.86 -10.46 -13.93
C SER A 30 -11.98 -10.58 -14.96
N ALA A 31 -12.60 -9.45 -15.28
CA ALA A 31 -13.69 -9.44 -16.25
C ALA A 31 -13.17 -9.81 -17.65
N LEU A 32 -11.86 -9.66 -17.85
CA LEU A 32 -11.26 -9.98 -19.12
C LEU A 32 -11.27 -11.48 -19.36
N ILE A 33 -10.78 -12.23 -18.38
CA ILE A 33 -10.73 -13.69 -18.50
C ILE A 33 -12.14 -14.28 -18.40
N VAL A 34 -12.94 -13.70 -17.52
CA VAL A 34 -14.33 -14.14 -17.29
C VAL A 34 -14.54 -15.59 -17.74
N GLY A 35 -13.68 -16.48 -17.27
CA GLY A 35 -13.79 -17.90 -17.62
C GLY A 35 -15.03 -18.52 -16.99
N LEU A 6 15.86 -1.89 5.13
CA LEU A 6 14.94 -2.41 4.11
C LEU A 6 13.62 -2.83 4.76
N PHE A 7 13.44 -2.45 6.01
CA PHE A 7 12.21 -2.79 6.74
C PHE A 7 11.86 -1.70 7.74
N PRO A 8 11.51 -0.54 7.25
CA PRO A 8 11.13 0.61 8.12
C PRO A 8 10.14 0.22 9.20
N GLN A 9 10.62 0.17 10.45
CA GLN A 9 9.77 -0.19 11.57
C GLN A 9 8.90 0.99 11.99
N ILE A 10 9.32 2.19 11.61
CA ILE A 10 8.58 3.41 11.96
C ILE A 10 7.21 3.40 11.28
N ASN A 11 6.20 3.88 12.00
CA ASN A 11 4.85 3.92 11.45
C ASN A 11 4.76 4.95 10.32
N PHE A 12 5.71 5.88 10.30
CA PHE A 12 5.73 6.91 9.26
C PHE A 12 5.87 6.27 7.87
N LEU A 13 7.03 5.69 7.60
CA LEU A 13 7.26 5.05 6.32
C LEU A 13 6.30 3.89 6.11
N GLY A 14 5.82 3.32 7.20
CA GLY A 14 4.89 2.20 7.12
C GLY A 14 3.53 2.66 6.61
N SER A 15 3.26 3.95 6.74
CA SER A 15 1.99 4.51 6.28
C SER A 15 1.88 4.42 4.77
N LEU A 16 3.02 4.56 4.08
CA LEU A 16 3.03 4.50 2.63
C LEU A 16 2.66 3.10 2.14
N LEU A 17 2.80 2.12 3.03
CA LEU A 17 2.47 0.75 2.69
C LEU A 17 0.99 0.60 2.39
N ILE A 18 0.15 1.03 3.33
CA ILE A 18 -1.29 0.95 3.14
C ILE A 18 -1.75 1.89 2.04
N ALA A 19 -1.01 2.99 1.86
CA ALA A 19 -1.34 3.97 0.84
C ALA A 19 -1.44 3.31 -0.53
N GLY A 20 -0.74 2.19 -0.70
CA GLY A 20 -0.77 1.47 -1.96
C GLY A 20 -2.05 0.67 -2.12
N CYS A 21 -2.69 0.35 -1.00
CA CYS A 21 -3.93 -0.40 -1.02
C CYS A 21 -5.04 0.41 -1.69
N ILE A 22 -5.00 1.72 -1.50
CA ILE A 22 -6.00 2.60 -2.08
C ILE A 22 -5.93 2.56 -3.60
N THR A 23 -4.72 2.61 -4.13
CA THR A 23 -4.52 2.57 -5.58
C THR A 23 -5.07 1.27 -6.17
N SER A 24 -5.09 0.22 -5.34
CA SER A 24 -5.58 -1.07 -5.80
C SER A 24 -4.56 -1.75 -6.71
N THR A 25 -4.40 -3.06 -6.54
CA THR A 25 -3.46 -3.82 -7.35
C THR A 25 -4.03 -5.19 -7.70
N ASP A 26 -5.02 -5.63 -6.92
CA ASP A 26 -5.65 -6.92 -7.16
C ASP A 26 -7.16 -6.82 -6.97
N PRO A 27 -7.90 -7.78 -7.47
CA PRO A 27 -9.38 -7.81 -7.35
C PRO A 27 -9.84 -8.06 -5.93
N VAL A 28 -11.13 -7.90 -5.68
CA VAL A 28 -11.69 -8.11 -4.35
C VAL A 28 -12.26 -9.52 -4.23
N LEU A 29 -11.66 -10.33 -3.36
CA LEU A 29 -12.12 -11.70 -3.17
C LEU A 29 -13.47 -11.71 -2.48
N SER A 30 -13.81 -10.61 -1.82
CA SER A 30 -15.09 -10.51 -1.12
C SER A 30 -16.25 -10.78 -2.08
N ALA A 31 -15.99 -10.60 -3.37
CA ALA A 31 -17.02 -10.82 -4.38
C ALA A 31 -17.40 -12.30 -4.44
N LEU A 32 -16.42 -13.16 -4.24
CA LEU A 32 -16.66 -14.60 -4.27
C LEU A 32 -17.48 -15.04 -3.07
N ILE A 33 -17.23 -14.39 -1.92
CA ILE A 33 -17.94 -14.72 -0.70
C ILE A 33 -19.39 -14.23 -0.79
N VAL A 34 -19.57 -12.97 -1.15
CA VAL A 34 -20.91 -12.40 -1.26
C VAL A 34 -21.44 -12.57 -2.68
N GLY A 35 -22.69 -13.01 -2.79
CA GLY A 35 -23.30 -13.21 -4.09
C GLY A 35 -24.79 -13.52 -3.94
N LEU A 6 -1.21 14.26 10.88
CA LEU A 6 -0.67 15.18 11.86
C LEU A 6 0.72 14.73 12.32
N PHE A 7 1.74 15.39 11.80
CA PHE A 7 3.11 15.05 12.15
C PHE A 7 3.29 13.53 12.22
N PRO A 8 3.09 12.86 11.12
CA PRO A 8 3.24 11.37 11.04
C PRO A 8 4.70 10.93 11.03
N GLN A 9 5.18 10.46 12.18
CA GLN A 9 6.56 10.01 12.29
C GLN A 9 6.71 8.58 11.78
N ILE A 10 6.13 7.64 12.50
CA ILE A 10 6.20 6.23 12.10
C ILE A 10 5.10 5.91 11.09
N ASN A 11 4.06 6.74 11.07
CA ASN A 11 2.95 6.53 10.14
C ASN A 11 3.41 6.78 8.71
N PHE A 12 4.50 7.51 8.56
CA PHE A 12 5.04 7.83 7.24
C PHE A 12 5.41 6.55 6.50
N LEU A 13 6.30 5.77 7.10
CA LEU A 13 6.74 4.52 6.48
C LEU A 13 5.57 3.56 6.33
N GLY A 14 4.67 3.56 7.30
CA GLY A 14 3.50 2.69 7.26
C GLY A 14 2.48 3.20 6.25
N SER A 15 2.47 4.50 6.04
CA SER A 15 1.54 5.11 5.09
C SER A 15 1.86 4.67 3.67
N LEU A 16 3.13 4.40 3.42
CA LEU A 16 3.56 3.98 2.09
C LEU A 16 2.97 2.62 1.74
N LEU A 17 3.08 1.68 2.68
CA LEU A 17 2.54 0.34 2.46
C LEU A 17 1.03 0.37 2.31
N ILE A 18 0.37 1.10 3.22
CA ILE A 18 -1.08 1.21 3.17
C ILE A 18 -1.52 2.00 1.95
N ALA A 19 -0.73 3.00 1.57
CA ALA A 19 -1.05 3.82 0.41
C ALA A 19 -1.21 2.96 -0.83
N GLY A 20 -0.32 1.99 -1.00
CA GLY A 20 -0.39 1.09 -2.15
C GLY A 20 -1.73 0.37 -2.20
N CYS A 21 -2.19 -0.09 -1.05
CA CYS A 21 -3.47 -0.79 -0.97
C CYS A 21 -4.62 0.13 -1.33
N ILE A 22 -4.60 1.33 -0.75
CA ILE A 22 -5.65 2.31 -1.02
C ILE A 22 -5.64 2.73 -2.48
N THR A 23 -4.50 3.22 -2.94
CA THR A 23 -4.35 3.66 -4.32
C THR A 23 -4.60 2.50 -5.28
N SER A 24 -3.68 1.55 -5.29
CA SER A 24 -3.82 0.38 -6.16
C SER A 24 -2.49 -0.39 -6.25
N THR A 25 -2.53 -1.55 -6.88
CA THR A 25 -1.33 -2.37 -7.02
C THR A 25 -1.55 -3.45 -8.08
N ASP A 26 -2.17 -3.06 -9.19
CA ASP A 26 -2.43 -4.01 -10.27
C ASP A 26 -1.30 -3.98 -11.30
N PRO A 27 -0.82 -2.82 -11.66
CA PRO A 27 0.26 -2.67 -12.65
C PRO A 27 1.65 -2.75 -12.01
N VAL A 28 2.15 -1.61 -11.54
CA VAL A 28 3.47 -1.58 -10.90
C VAL A 28 3.68 -0.23 -10.20
N LEU A 29 4.71 0.50 -10.61
CA LEU A 29 5.01 1.79 -10.01
C LEU A 29 3.94 2.81 -10.38
N SER A 30 3.20 2.53 -11.45
CA SER A 30 2.14 3.42 -11.89
C SER A 30 1.16 3.70 -10.76
N ALA A 31 0.70 2.64 -10.11
CA ALA A 31 -0.24 2.79 -9.00
C ALA A 31 0.42 3.49 -7.82
N LEU A 32 1.75 3.43 -7.77
CA LEU A 32 2.50 4.06 -6.69
C LEU A 32 2.43 5.58 -6.82
N ILE A 33 2.22 6.06 -8.03
CA ILE A 33 2.14 7.49 -8.27
C ILE A 33 0.84 8.06 -7.71
N VAL A 34 -0.28 7.62 -8.26
CA VAL A 34 -1.59 8.09 -7.79
C VAL A 34 -2.70 7.31 -8.47
N GLY A 35 -2.70 6.00 -8.28
CA GLY A 35 -3.72 5.14 -8.88
C GLY A 35 -5.07 5.39 -8.24
N LEU A 6 3.92 14.01 9.57
CA LEU A 6 5.18 14.08 8.83
C LEU A 6 5.31 12.89 7.89
N PHE A 7 5.16 11.69 8.45
CA PHE A 7 5.27 10.47 7.65
C PHE A 7 6.62 10.40 6.96
N PRO A 8 7.67 10.27 7.73
CA PRO A 8 9.06 10.19 7.19
C PRO A 8 9.17 9.23 6.01
N GLN A 9 10.20 9.42 5.19
CA GLN A 9 10.40 8.56 4.03
C GLN A 9 11.18 7.30 4.43
N ILE A 10 11.87 7.36 5.56
CA ILE A 10 12.65 6.23 6.03
C ILE A 10 11.74 5.02 6.26
N ASN A 11 12.05 4.22 7.27
CA ASN A 11 11.24 3.04 7.57
C ASN A 11 9.86 3.45 8.10
N PHE A 12 9.80 4.63 8.69
CA PHE A 12 8.53 5.13 9.24
C PHE A 12 7.50 5.27 8.13
N LEU A 13 7.97 5.34 6.89
CA LEU A 13 7.08 5.46 5.74
C LEU A 13 6.15 4.26 5.65
N GLY A 14 6.53 3.17 6.32
CA GLY A 14 5.72 1.96 6.32
C GLY A 14 4.23 2.29 6.41
N SER A 15 3.92 3.43 7.02
CA SER A 15 2.53 3.84 7.16
C SER A 15 1.93 4.19 5.80
N LEU A 16 2.69 4.94 5.01
CA LEU A 16 2.23 5.33 3.68
C LEU A 16 2.11 4.11 2.78
N LEU A 17 2.77 3.03 3.14
CA LEU A 17 2.73 1.80 2.35
C LEU A 17 1.31 1.24 2.33
N ILE A 18 0.50 1.66 3.29
CA ILE A 18 -0.88 1.18 3.37
C ILE A 18 -1.69 1.70 2.17
N ALA A 19 -1.20 2.78 1.56
CA ALA A 19 -1.88 3.37 0.42
C ALA A 19 -2.08 2.32 -0.69
N GLY A 20 -1.22 1.31 -0.68
CA GLY A 20 -1.30 0.24 -1.68
C GLY A 20 -2.75 -0.13 -1.96
N CYS A 21 -3.60 0.00 -0.94
CA CYS A 21 -5.01 -0.33 -1.09
C CYS A 21 -5.68 0.61 -2.08
N ILE A 22 -5.59 1.92 -1.81
CA ILE A 22 -6.19 2.91 -2.69
C ILE A 22 -5.53 2.89 -4.06
N THR A 23 -4.25 2.53 -4.08
CA THR A 23 -3.51 2.47 -5.33
C THR A 23 -4.15 1.46 -6.28
N SER A 24 -4.93 0.54 -5.73
CA SER A 24 -5.60 -0.46 -6.55
C SER A 24 -6.14 0.15 -7.83
N THR A 25 -6.36 -0.69 -8.84
CA THR A 25 -6.88 -0.22 -10.12
C THR A 25 -8.05 0.72 -9.89
N ASP A 26 -7.87 2.00 -10.24
CA ASP A 26 -8.91 2.99 -10.08
C ASP A 26 -8.42 4.38 -10.51
N PRO A 27 -7.29 4.82 -10.02
CA PRO A 27 -6.73 6.15 -10.39
C PRO A 27 -5.97 6.13 -11.71
N VAL A 28 -5.51 7.30 -12.14
CA VAL A 28 -4.77 7.39 -13.39
C VAL A 28 -3.77 6.25 -13.52
N LEU A 29 -3.93 5.44 -14.56
CA LEU A 29 -3.04 4.30 -14.79
C LEU A 29 -1.64 4.79 -15.17
N SER A 30 -1.57 6.03 -15.64
CA SER A 30 -0.29 6.61 -16.04
C SER A 30 0.72 6.54 -14.89
N ALA A 31 0.21 6.47 -13.66
CA ALA A 31 1.07 6.40 -12.50
C ALA A 31 1.84 5.08 -12.48
N LEU A 32 1.29 4.08 -13.15
CA LEU A 32 1.94 2.76 -13.21
C LEU A 32 3.21 2.83 -14.05
N ILE A 33 3.20 3.70 -15.06
CA ILE A 33 4.36 3.85 -15.94
C ILE A 33 5.49 4.56 -15.21
N VAL A 34 5.29 5.84 -14.91
CA VAL A 34 6.31 6.62 -14.20
C VAL A 34 6.70 5.93 -12.89
N GLY A 35 7.96 5.51 -12.81
CA GLY A 35 8.44 4.84 -11.60
C GLY A 35 9.95 4.63 -11.67
N LEU A 6 -3.07 -1.20 12.76
CA LEU A 6 -2.84 0.04 12.04
C LEU A 6 -1.91 0.96 12.82
N PHE A 7 -1.02 0.36 13.61
CA PHE A 7 -0.08 1.14 14.40
C PHE A 7 1.16 0.29 14.74
N PRO A 8 1.87 -0.15 13.73
CA PRO A 8 3.10 -0.98 13.92
C PRO A 8 4.28 -0.15 14.42
N GLN A 9 5.41 -0.82 14.63
CA GLN A 9 6.60 -0.14 15.11
C GLN A 9 6.91 1.08 14.23
N ILE A 10 7.34 0.81 13.00
CA ILE A 10 7.66 1.88 12.07
C ILE A 10 6.40 2.41 11.39
N ASN A 11 5.68 3.28 12.08
CA ASN A 11 4.45 3.84 11.53
C ASN A 11 4.76 4.77 10.36
N PHE A 12 6.01 5.24 10.31
CA PHE A 12 6.43 6.13 9.23
C PHE A 12 6.28 5.46 7.88
N LEU A 13 7.06 4.41 7.65
CA LEU A 13 7.01 3.68 6.38
C LEU A 13 5.63 3.06 6.19
N GLY A 14 5.21 2.25 7.16
CA GLY A 14 3.91 1.59 7.08
C GLY A 14 2.84 2.55 6.54
N SER A 15 3.12 3.85 6.67
CA SER A 15 2.18 4.86 6.19
C SER A 15 2.06 4.82 4.67
N LEU A 16 3.19 5.05 4.00
CA LEU A 16 3.21 5.03 2.54
C LEU A 16 2.91 3.63 2.02
N LEU A 17 3.18 2.63 2.83
CA LEU A 17 2.93 1.25 2.44
C LEU A 17 1.44 1.00 2.22
N ILE A 18 0.63 1.34 3.22
CA ILE A 18 -0.81 1.17 3.11
C ILE A 18 -1.40 2.12 2.07
N ALA A 19 -0.74 3.25 1.89
CA ALA A 19 -1.21 4.24 0.91
C ALA A 19 -1.33 3.61 -0.48
N GLY A 20 -0.58 2.54 -0.70
CA GLY A 20 -0.61 1.85 -1.98
C GLY A 20 -1.84 0.96 -2.09
N CYS A 21 -2.39 0.57 -0.95
CA CYS A 21 -3.57 -0.29 -0.93
C CYS A 21 -4.77 0.45 -1.52
N ILE A 22 -4.70 1.76 -1.54
CA ILE A 22 -5.79 2.57 -2.07
C ILE A 22 -5.97 2.31 -3.57
N THR A 23 -4.87 1.96 -4.23
CA THR A 23 -4.91 1.68 -5.66
C THR A 23 -5.85 0.51 -5.95
N SER A 24 -6.02 -0.37 -4.98
CA SER A 24 -6.88 -1.52 -5.14
C SER A 24 -8.25 -1.27 -4.48
N THR A 25 -8.98 -2.35 -4.24
CA THR A 25 -10.30 -2.23 -3.63
C THR A 25 -11.18 -1.27 -4.43
N ASP A 26 -12.16 -1.84 -5.14
CA ASP A 26 -13.07 -1.03 -5.94
C ASP A 26 -14.17 -1.91 -6.56
N PRO A 27 -13.82 -2.81 -7.44
CA PRO A 27 -14.82 -3.71 -8.09
C PRO A 27 -15.61 -4.53 -7.08
N VAL A 28 -16.65 -5.20 -7.55
CA VAL A 28 -17.48 -6.02 -6.67
C VAL A 28 -16.96 -7.46 -6.63
N LEU A 29 -15.83 -7.68 -7.28
CA LEU A 29 -15.22 -9.01 -7.31
C LEU A 29 -14.70 -9.38 -5.92
N SER A 30 -14.10 -8.42 -5.23
CA SER A 30 -13.55 -8.66 -3.91
C SER A 30 -14.63 -9.21 -2.98
N ALA A 31 -15.82 -8.61 -3.02
CA ALA A 31 -16.92 -9.05 -2.19
C ALA A 31 -17.37 -10.46 -2.59
N LEU A 32 -17.16 -10.80 -3.85
CA LEU A 32 -17.55 -12.11 -4.35
C LEU A 32 -16.66 -13.20 -3.75
N ILE A 33 -15.35 -13.05 -3.92
CA ILE A 33 -14.40 -14.02 -3.39
C ILE A 33 -14.33 -13.92 -1.88
N VAL A 34 -14.76 -12.79 -1.33
CA VAL A 34 -14.74 -12.58 0.11
C VAL A 34 -13.30 -12.61 0.63
N GLY A 35 -13.10 -13.31 1.74
CA GLY A 35 -11.78 -13.42 2.34
C GLY A 35 -11.59 -12.37 3.43
N LEU A 6 14.34 5.03 14.84
CA LEU A 6 12.95 4.94 14.42
C LEU A 6 12.08 5.89 15.21
N PHE A 7 11.64 6.97 14.57
CA PHE A 7 10.79 7.96 15.22
C PHE A 7 10.45 9.11 14.27
N PRO A 8 11.42 9.64 13.58
CA PRO A 8 11.19 10.76 12.62
C PRO A 8 10.16 10.41 11.56
N GLN A 9 10.32 11.00 10.37
CA GLN A 9 9.39 10.73 9.27
C GLN A 9 9.42 9.26 8.88
N ILE A 10 10.51 8.57 9.25
CA ILE A 10 10.65 7.16 8.92
C ILE A 10 9.40 6.38 9.32
N ASN A 11 8.72 6.87 10.34
CA ASN A 11 7.50 6.21 10.82
C ASN A 11 6.39 6.35 9.78
N PHE A 12 6.21 7.55 9.25
CA PHE A 12 5.18 7.79 8.26
C PHE A 12 5.43 6.94 7.01
N LEU A 13 6.67 6.49 6.85
CA LEU A 13 7.03 5.67 5.70
C LEU A 13 6.25 4.35 5.72
N GLY A 14 5.95 3.87 6.92
CA GLY A 14 5.20 2.63 7.06
C GLY A 14 3.76 2.81 6.63
N SER A 15 3.25 4.03 6.78
CA SER A 15 1.88 4.32 6.40
C SER A 15 1.70 4.21 4.89
N LEU A 16 2.76 4.53 4.15
CA LEU A 16 2.72 4.45 2.69
C LEU A 16 2.55 3.01 2.23
N LEU A 17 2.92 2.07 3.11
CA LEU A 17 2.80 0.66 2.78
C LEU A 17 1.34 0.27 2.59
N ILE A 18 0.53 0.48 3.62
CA ILE A 18 -0.88 0.15 3.55
C ILE A 18 -1.60 1.07 2.57
N ALA A 19 -1.10 2.30 2.43
CA ALA A 19 -1.70 3.26 1.52
C ALA A 19 -1.77 2.69 0.11
N GLY A 20 -0.94 1.69 -0.17
CA GLY A 20 -0.91 1.06 -1.48
C GLY A 20 -2.31 0.63 -1.90
N CYS A 21 -3.19 0.48 -0.91
CA CYS A 21 -4.57 0.06 -1.19
C CYS A 21 -5.30 1.14 -2.01
N ILE A 22 -4.78 2.36 -1.96
CA ILE A 22 -5.39 3.46 -2.69
C ILE A 22 -5.33 3.21 -4.20
N THR A 23 -4.34 2.44 -4.63
CA THR A 23 -4.18 2.12 -6.04
C THR A 23 -5.40 1.37 -6.56
N SER A 24 -6.15 0.78 -5.65
CA SER A 24 -7.36 0.04 -6.02
C SER A 24 -8.15 0.80 -7.09
N THR A 25 -9.09 1.62 -6.64
CA THR A 25 -9.90 2.40 -7.57
C THR A 25 -10.15 3.80 -7.01
N ASP A 26 -11.39 4.06 -6.60
CA ASP A 26 -11.75 5.35 -6.04
C ASP A 26 -12.96 5.23 -5.13
N PRO A 27 -12.84 4.45 -4.09
CA PRO A 27 -13.95 4.24 -3.11
C PRO A 27 -14.15 5.45 -2.21
N VAL A 28 -14.94 5.27 -1.15
CA VAL A 28 -15.21 6.36 -0.21
C VAL A 28 -13.92 7.09 0.14
N LEU A 29 -13.64 8.18 -0.59
CA LEU A 29 -12.44 8.96 -0.36
C LEU A 29 -12.53 9.69 0.98
N SER A 30 -13.75 9.84 1.48
CA SER A 30 -13.97 10.53 2.75
C SER A 30 -13.16 9.86 3.86
N ALA A 31 -12.77 8.61 3.63
CA ALA A 31 -12.00 7.88 4.61
C ALA A 31 -10.61 8.49 4.80
N LEU A 32 -10.08 9.03 3.71
CA LEU A 32 -8.76 9.66 3.75
C LEU A 32 -8.81 10.97 4.54
N ILE A 33 -9.98 11.59 4.57
CA ILE A 33 -10.15 12.84 5.30
C ILE A 33 -10.13 12.59 6.80
N VAL A 34 -10.82 11.54 7.23
CA VAL A 34 -10.87 11.21 8.65
C VAL A 34 -9.47 10.87 9.17
N GLY A 35 -8.51 10.78 8.26
CA GLY A 35 -7.14 10.47 8.63
C GLY A 35 -6.87 8.97 8.52
N LEU A 6 6.15 -8.08 2.65
CA LEU A 6 5.68 -9.18 3.47
C LEU A 6 5.19 -8.66 4.82
N PHE A 7 6.12 -8.20 5.65
CA PHE A 7 5.77 -7.68 6.96
C PHE A 7 6.81 -6.67 7.43
N PRO A 8 6.87 -5.55 6.77
CA PRO A 8 7.84 -4.46 7.10
C PRO A 8 7.84 -4.14 8.60
N GLN A 9 9.03 -4.03 9.18
CA GLN A 9 9.16 -3.73 10.60
C GLN A 9 8.95 -2.24 10.84
N ILE A 10 9.67 -1.41 10.10
CA ILE A 10 9.56 0.04 10.26
C ILE A 10 8.10 0.47 10.17
N ASN A 11 7.51 0.74 11.33
CA ASN A 11 6.12 1.17 11.37
C ASN A 11 5.95 2.56 10.77
N PHE A 12 7.06 3.30 10.69
CA PHE A 12 7.04 4.64 10.13
C PHE A 12 6.58 4.61 8.68
N LEU A 13 7.43 4.06 7.81
CA LEU A 13 7.09 3.98 6.38
C LEU A 13 5.86 3.10 6.17
N GLY A 14 5.69 2.10 7.05
CA GLY A 14 4.55 1.21 6.94
C GLY A 14 3.26 1.98 6.68
N SER A 15 3.16 3.18 7.25
CA SER A 15 1.99 4.02 7.06
C SER A 15 1.89 4.47 5.61
N LEU A 16 3.00 4.96 5.06
CA LEU A 16 3.02 5.44 3.68
C LEU A 16 2.79 4.27 2.72
N LEU A 17 3.15 3.07 3.15
CA LEU A 17 2.98 1.89 2.32
C LEU A 17 1.49 1.63 2.05
N ILE A 18 0.63 2.20 2.89
CA ILE A 18 -0.81 2.03 2.73
C ILE A 18 -1.29 2.74 1.46
N ALA A 19 -0.49 3.68 0.98
CA ALA A 19 -0.85 4.43 -0.22
C ALA A 19 -1.11 3.47 -1.39
N GLY A 20 -0.57 2.26 -1.28
CA GLY A 20 -0.73 1.27 -2.33
C GLY A 20 -2.08 0.56 -2.20
N CYS A 21 -2.60 0.52 -0.97
CA CYS A 21 -3.87 -0.13 -0.72
C CYS A 21 -5.01 0.62 -1.42
N ILE A 22 -4.78 1.90 -1.71
CA ILE A 22 -5.78 2.71 -2.37
C ILE A 22 -6.06 2.18 -3.77
N THR A 23 -5.02 1.62 -4.41
CA THR A 23 -5.16 1.08 -5.75
C THR A 23 -6.18 -0.05 -5.78
N SER A 24 -6.27 -0.78 -4.66
CA SER A 24 -7.21 -1.89 -4.57
C SER A 24 -6.99 -2.67 -3.28
N THR A 25 -8.07 -2.95 -2.56
CA THR A 25 -7.98 -3.69 -1.32
C THR A 25 -8.05 -5.19 -1.57
N ASP A 26 -6.89 -5.85 -1.53
CA ASP A 26 -6.79 -7.30 -1.76
C ASP A 26 -8.07 -8.02 -1.32
N PRO A 27 -9.00 -8.27 -2.23
CA PRO A 27 -10.26 -8.98 -1.89
C PRO A 27 -10.01 -10.32 -1.19
N VAL A 28 -10.50 -10.45 0.03
CA VAL A 28 -10.31 -11.68 0.79
C VAL A 28 -11.42 -12.67 0.47
N LEU A 29 -11.13 -13.62 -0.41
CA LEU A 29 -12.13 -14.63 -0.79
C LEU A 29 -12.39 -15.58 0.37
N SER A 30 -11.38 -15.78 1.21
CA SER A 30 -11.51 -16.65 2.37
C SER A 30 -12.69 -16.24 3.23
N ALA A 31 -13.00 -14.95 3.24
CA ALA A 31 -14.11 -14.44 4.03
C ALA A 31 -15.44 -14.98 3.50
N LEU A 32 -15.57 -15.02 2.18
CA LEU A 32 -16.79 -15.52 1.56
C LEU A 32 -16.93 -17.02 1.78
N ILE A 33 -15.82 -17.74 1.62
CA ILE A 33 -15.83 -19.19 1.81
C ILE A 33 -15.99 -19.54 3.28
N VAL A 34 -15.06 -19.06 4.09
CA VAL A 34 -15.10 -19.33 5.53
C VAL A 34 -15.64 -18.13 6.28
N GLY A 35 -16.52 -18.38 7.24
CA GLY A 35 -17.11 -17.31 8.04
C GLY A 35 -17.93 -17.87 9.19
N LEU A 6 11.86 -2.32 12.95
CA LEU A 6 10.58 -2.47 13.62
C LEU A 6 9.60 -1.40 13.15
N PHE A 7 8.93 -0.76 14.09
CA PHE A 7 7.96 0.28 13.76
C PHE A 7 8.08 1.46 14.72
N PRO A 8 9.22 2.08 14.75
CA PRO A 8 9.47 3.25 15.65
C PRO A 8 8.78 4.52 15.15
N GLN A 9 9.14 5.65 15.74
CA GLN A 9 8.54 6.92 15.35
C GLN A 9 8.41 7.01 13.84
N ILE A 10 9.26 6.27 13.13
CA ILE A 10 9.23 6.28 11.68
C ILE A 10 8.03 5.48 11.16
N ASN A 11 6.89 5.63 11.82
CA ASN A 11 5.68 4.93 11.43
C ASN A 11 5.18 5.44 10.09
N PHE A 12 5.61 6.64 9.72
CA PHE A 12 5.18 7.23 8.45
C PHE A 12 5.64 6.37 7.28
N LEU A 13 6.79 5.73 7.42
CA LEU A 13 7.32 4.88 6.38
C LEU A 13 6.38 3.70 6.11
N GLY A 14 5.84 3.12 7.17
CA GLY A 14 4.93 2.00 7.04
C GLY A 14 3.56 2.46 6.54
N SER A 15 3.27 3.74 6.73
CA SER A 15 1.99 4.31 6.30
C SER A 15 1.90 4.31 4.78
N LEU A 16 3.07 4.35 4.12
CA LEU A 16 3.10 4.36 2.67
C LEU A 16 2.58 3.04 2.11
N LEU A 17 2.70 1.97 2.90
CA LEU A 17 2.24 0.66 2.48
C LEU A 17 0.72 0.66 2.29
N ILE A 18 0.01 1.19 3.28
CA ILE A 18 -1.44 1.24 3.22
C ILE A 18 -1.90 2.21 2.13
N ALA A 19 -1.24 3.37 2.06
CA ALA A 19 -1.58 4.37 1.06
C ALA A 19 -1.51 3.77 -0.35
N GLY A 20 -0.74 2.70 -0.48
CA GLY A 20 -0.59 2.04 -1.78
C GLY A 20 -1.75 1.09 -2.05
N CYS A 21 -2.35 0.58 -0.97
CA CYS A 21 -3.47 -0.35 -1.10
C CYS A 21 -4.67 0.36 -1.72
N ILE A 22 -4.71 1.68 -1.59
CA ILE A 22 -5.81 2.46 -2.13
C ILE A 22 -5.85 2.34 -3.66
N THR A 23 -4.71 2.01 -4.24
CA THR A 23 -4.63 1.86 -5.70
C THR A 23 -5.56 0.77 -6.19
N SER A 24 -5.91 -0.15 -5.29
CA SER A 24 -6.81 -1.25 -5.63
C SER A 24 -8.25 -0.74 -5.78
N THR A 25 -8.43 0.30 -6.60
CA THR A 25 -9.75 0.87 -6.82
C THR A 25 -10.36 0.32 -8.10
N ASP A 26 -9.58 0.31 -9.18
CA ASP A 26 -10.05 -0.18 -10.46
C ASP A 26 -8.93 -0.88 -11.21
N PRO A 27 -8.47 -1.99 -10.71
CA PRO A 27 -7.37 -2.77 -11.35
C PRO A 27 -7.60 -2.97 -12.85
N VAL A 28 -6.67 -3.66 -13.49
CA VAL A 28 -6.78 -3.92 -14.93
C VAL A 28 -8.02 -4.75 -15.22
N LEU A 29 -8.77 -5.09 -14.18
CA LEU A 29 -9.98 -5.88 -14.34
C LEU A 29 -11.06 -5.06 -15.06
N SER A 30 -11.29 -3.85 -14.56
CA SER A 30 -12.29 -2.97 -15.16
C SER A 30 -12.02 -2.76 -16.64
N ALA A 31 -10.77 -3.01 -17.04
CA ALA A 31 -10.39 -2.84 -18.44
C ALA A 31 -11.12 -3.85 -19.32
N LEU A 32 -11.52 -4.97 -18.72
CA LEU A 32 -12.22 -6.01 -19.47
C LEU A 32 -13.63 -5.54 -19.85
N ILE A 33 -14.41 -5.16 -18.84
CA ILE A 33 -15.77 -4.70 -19.08
C ILE A 33 -15.76 -3.32 -19.73
N VAL A 34 -15.28 -2.33 -18.98
CA VAL A 34 -15.22 -0.97 -19.50
C VAL A 34 -16.62 -0.40 -19.71
N GLY A 35 -16.75 0.92 -19.64
CA GLY A 35 -18.04 1.56 -19.82
C GLY A 35 -17.89 3.08 -19.91
N LEU A 6 15.00 -2.64 5.31
CA LEU A 6 15.93 -1.53 5.15
C LEU A 6 15.91 -0.62 6.39
N PHE A 7 15.00 -0.91 7.31
CA PHE A 7 14.89 -0.11 8.53
C PHE A 7 14.96 1.37 8.21
N PRO A 8 14.03 1.85 7.42
CA PRO A 8 13.98 3.29 7.04
C PRO A 8 13.51 4.19 8.18
N GLN A 9 14.24 5.27 8.41
CA GLN A 9 13.88 6.19 9.48
C GLN A 9 12.52 6.83 9.21
N ILE A 10 12.30 7.23 7.96
CA ILE A 10 11.04 7.86 7.57
C ILE A 10 9.87 6.96 7.93
N ASN A 11 9.21 7.25 9.05
CA ASN A 11 8.07 6.46 9.49
C ASN A 11 6.89 6.65 8.54
N PHE A 12 6.89 7.77 7.82
CA PHE A 12 5.82 8.06 6.89
C PHE A 12 5.74 6.99 5.80
N LEU A 13 6.89 6.42 5.46
CA LEU A 13 6.95 5.39 4.44
C LEU A 13 6.14 4.17 4.87
N GLY A 14 5.99 3.99 6.17
CA GLY A 14 5.24 2.85 6.70
C GLY A 14 3.76 2.99 6.38
N SER A 15 3.25 4.22 6.43
CA SER A 15 1.85 4.48 6.14
C SER A 15 1.54 4.20 4.68
N LEU A 16 2.56 4.35 3.83
CA LEU A 16 2.39 4.12 2.40
C LEU A 16 2.10 2.64 2.13
N LEU A 17 2.47 1.78 3.07
CA LEU A 17 2.24 0.36 2.93
C LEU A 17 0.74 0.04 2.89
N ILE A 18 0.03 0.45 3.94
CA ILE A 18 -1.40 0.21 4.01
C ILE A 18 -2.14 1.05 2.97
N ALA A 19 -2.00 2.37 3.07
CA ALA A 19 -2.65 3.27 2.13
C ALA A 19 -2.25 2.93 0.71
N GLY A 20 -1.10 2.30 0.56
CA GLY A 20 -0.60 1.93 -0.77
C GLY A 20 -1.66 1.15 -1.55
N CYS A 21 -2.56 0.50 -0.82
CA CYS A 21 -3.63 -0.28 -1.45
C CYS A 21 -4.58 0.64 -2.20
N ILE A 22 -4.56 1.91 -1.85
CA ILE A 22 -5.44 2.89 -2.51
C ILE A 22 -5.07 3.02 -3.98
N THR A 23 -3.84 2.68 -4.32
CA THR A 23 -3.37 2.76 -5.70
C THR A 23 -4.20 1.87 -6.60
N SER A 24 -4.07 0.55 -6.39
CA SER A 24 -4.82 -0.41 -7.20
C SER A 24 -4.81 -0.01 -8.67
N THR A 25 -3.69 -0.26 -9.34
CA THR A 25 -3.56 0.08 -10.75
C THR A 25 -2.84 -1.03 -11.50
N ASP A 26 -1.95 -1.74 -10.81
CA ASP A 26 -1.21 -2.83 -11.42
C ASP A 26 -0.97 -3.95 -10.42
N PRO A 27 -2.01 -4.53 -9.89
CA PRO A 27 -1.91 -5.63 -8.90
C PRO A 27 -1.48 -6.94 -9.53
N VAL A 28 -0.87 -6.86 -10.71
CA VAL A 28 -0.42 -8.05 -11.42
C VAL A 28 0.87 -8.58 -10.81
N LEU A 29 0.88 -8.71 -9.49
CA LEU A 29 2.06 -9.21 -8.80
C LEU A 29 2.29 -10.68 -9.10
N SER A 30 1.23 -11.36 -9.55
CA SER A 30 1.33 -12.77 -9.89
C SER A 30 2.44 -13.01 -10.91
N ALA A 31 2.59 -12.06 -11.83
CA ALA A 31 3.62 -12.18 -12.87
C ALA A 31 5.01 -12.12 -12.24
N LEU A 32 5.09 -11.58 -11.03
CA LEU A 32 6.37 -11.47 -10.34
C LEU A 32 6.87 -12.84 -9.91
N ILE A 33 6.06 -13.55 -9.13
CA ILE A 33 6.43 -14.87 -8.65
C ILE A 33 6.38 -15.89 -9.80
N VAL A 34 5.37 -15.74 -10.65
CA VAL A 34 5.22 -16.65 -11.79
C VAL A 34 6.33 -16.44 -12.80
N GLY A 35 6.80 -17.53 -13.40
CA GLY A 35 7.87 -17.45 -14.39
C GLY A 35 8.07 -18.79 -15.07
N LEU A 6 0.73 0.04 15.89
CA LEU A 6 1.46 0.49 17.06
C LEU A 6 2.21 1.78 16.75
N PHE A 7 3.53 1.78 17.01
CA PHE A 7 4.34 2.96 16.76
C PHE A 7 5.83 2.59 16.74
N PRO A 8 6.23 1.75 15.82
CA PRO A 8 7.65 1.31 15.69
C PRO A 8 8.54 2.39 15.09
N GLN A 9 9.73 1.99 14.66
CA GLN A 9 10.67 2.93 14.06
C GLN A 9 10.34 3.15 12.59
N ILE A 10 10.17 2.06 11.85
CA ILE A 10 9.85 2.15 10.43
C ILE A 10 8.35 2.34 10.22
N ASN A 11 7.71 3.02 11.16
CA ASN A 11 6.27 3.26 11.07
C ASN A 11 5.96 4.21 9.92
N PHE A 12 6.94 5.04 9.57
CA PHE A 12 6.75 6.00 8.49
C PHE A 12 6.47 5.28 7.18
N LEU A 13 7.31 4.30 6.85
CA LEU A 13 7.14 3.53 5.62
C LEU A 13 5.81 2.79 5.63
N GLY A 14 5.32 2.47 6.83
CA GLY A 14 4.06 1.75 6.97
C GLY A 14 2.90 2.60 6.47
N SER A 15 3.03 3.91 6.60
CA SER A 15 1.98 4.83 6.15
C SER A 15 1.86 4.78 4.64
N LEU A 16 2.98 4.93 3.94
CA LEU A 16 2.98 4.91 2.49
C LEU A 16 2.58 3.53 1.97
N LEU A 17 2.87 2.50 2.75
CA LEU A 17 2.54 1.13 2.37
C LEU A 17 1.02 0.96 2.27
N ILE A 18 0.31 1.36 3.32
CA ILE A 18 -1.14 1.24 3.35
C ILE A 18 -1.76 2.19 2.33
N ALA A 19 -1.27 3.42 2.30
CA ALA A 19 -1.79 4.42 1.38
C ALA A 19 -1.71 3.92 -0.06
N GLY A 20 -0.72 3.06 -0.32
CA GLY A 20 -0.54 2.52 -1.67
C GLY A 20 -1.52 1.38 -1.92
N CYS A 21 -2.05 0.81 -0.84
CA CYS A 21 -3.00 -0.30 -0.96
C CYS A 21 -4.29 0.18 -1.61
N ILE A 22 -4.60 1.46 -1.43
CA ILE A 22 -5.81 2.04 -2.02
C ILE A 22 -5.75 2.00 -3.54
N THR A 23 -4.54 1.89 -4.07
CA THR A 23 -4.35 1.84 -5.52
C THR A 23 -5.07 0.63 -6.11
N SER A 24 -4.59 -0.56 -5.77
CA SER A 24 -5.19 -1.78 -6.28
C SER A 24 -6.33 -2.23 -5.37
N THR A 25 -7.42 -2.69 -5.99
CA THR A 25 -8.57 -3.16 -5.23
C THR A 25 -9.23 -2.00 -4.49
N ASP A 26 -10.49 -2.17 -4.11
CA ASP A 26 -11.21 -1.13 -3.41
C ASP A 26 -12.27 -1.73 -2.48
N PRO A 27 -11.85 -2.55 -1.54
CA PRO A 27 -12.77 -3.20 -0.58
C PRO A 27 -13.30 -2.24 0.47
N VAL A 28 -14.53 -2.48 0.93
CA VAL A 28 -15.14 -1.62 1.93
C VAL A 28 -15.02 -2.24 3.32
N LEU A 29 -14.76 -3.53 3.36
CA LEU A 29 -14.62 -4.24 4.63
C LEU A 29 -13.35 -3.79 5.36
N SER A 30 -12.20 -4.06 4.74
CA SER A 30 -10.93 -3.69 5.34
C SER A 30 -10.89 -2.19 5.62
N ALA A 31 -11.60 -1.42 4.81
CA ALA A 31 -11.65 0.03 4.98
C ALA A 31 -12.33 0.39 6.29
N LEU A 32 -13.11 -0.54 6.83
CA LEU A 32 -13.82 -0.31 8.08
C LEU A 32 -12.84 -0.26 9.25
N ILE A 33 -11.65 -0.81 9.04
CA ILE A 33 -10.63 -0.81 10.09
C ILE A 33 -10.07 0.58 10.30
N VAL A 34 -10.23 1.43 9.28
CA VAL A 34 -9.73 2.81 9.37
C VAL A 34 -10.05 3.41 10.73
N GLY A 35 -9.21 4.34 11.17
CA GLY A 35 -9.42 4.99 12.47
C GLY A 35 -8.46 6.16 12.65
N LEU A 6 17.21 1.41 1.48
CA LEU A 6 16.02 1.18 0.65
C LEU A 6 15.01 0.31 1.38
N PHE A 7 14.81 0.61 2.67
CA PHE A 7 13.86 -0.16 3.47
C PHE A 7 13.48 0.61 4.73
N PRO A 8 12.80 1.71 4.57
CA PRO A 8 12.37 2.58 5.72
C PRO A 8 11.73 1.76 6.84
N GLN A 9 12.41 1.67 7.97
CA GLN A 9 11.91 0.91 9.11
C GLN A 9 10.97 1.77 9.94
N ILE A 10 11.08 3.09 9.78
CA ILE A 10 10.24 4.01 10.53
C ILE A 10 8.76 3.72 10.28
N ASN A 11 7.97 3.75 11.35
CA ASN A 11 6.53 3.49 11.23
C ASN A 11 5.84 4.59 10.45
N PHE A 12 6.49 5.75 10.37
CA PHE A 12 5.92 6.89 9.65
C PHE A 12 5.72 6.55 8.18
N LEU A 13 6.82 6.33 7.48
CA LEU A 13 6.77 5.99 6.06
C LEU A 13 6.01 4.67 5.86
N GLY A 14 5.96 3.86 6.90
CA GLY A 14 5.28 2.58 6.83
C GLY A 14 3.83 2.75 6.38
N SER A 15 3.31 3.96 6.55
CA SER A 15 1.94 4.25 6.16
C SER A 15 1.79 4.20 4.64
N LEU A 16 2.90 4.39 3.94
CA LEU A 16 2.89 4.36 2.48
C LEU A 16 2.55 2.96 1.98
N LEU A 17 3.02 1.95 2.70
CA LEU A 17 2.77 0.56 2.32
C LEU A 17 1.28 0.25 2.40
N ILE A 18 0.64 0.73 3.46
CA ILE A 18 -0.79 0.50 3.65
C ILE A 18 -1.60 1.24 2.59
N ALA A 19 -1.15 2.45 2.25
CA ALA A 19 -1.83 3.27 1.25
C ALA A 19 -1.97 2.49 -0.07
N GLY A 20 -1.07 1.55 -0.28
CA GLY A 20 -1.10 0.74 -1.51
C GLY A 20 -2.52 0.31 -1.83
N CYS A 21 -3.39 0.29 -0.82
CA CYS A 21 -4.78 -0.10 -1.02
C CYS A 21 -5.50 0.92 -1.90
N ILE A 22 -5.26 2.20 -1.65
CA ILE A 22 -5.88 3.26 -2.42
C ILE A 22 -5.43 3.19 -3.88
N THR A 23 -4.14 2.96 -4.08
CA THR A 23 -3.59 2.89 -5.43
C THR A 23 -4.24 1.75 -6.20
N SER A 24 -4.79 0.78 -5.48
CA SER A 24 -5.44 -0.36 -6.11
C SER A 24 -4.45 -1.14 -6.98
N THR A 25 -3.61 -1.94 -6.33
CA THR A 25 -2.62 -2.73 -7.05
C THR A 25 -1.93 -3.71 -6.11
N ASP A 26 -1.49 -4.84 -6.65
CA ASP A 26 -0.81 -5.85 -5.85
C ASP A 26 -1.53 -6.05 -4.51
N PRO A 27 -2.72 -6.57 -4.55
CA PRO A 27 -3.54 -6.82 -3.33
C PRO A 27 -2.73 -7.52 -2.23
N VAL A 28 -2.91 -7.06 -1.00
CA VAL A 28 -2.19 -7.65 0.13
C VAL A 28 -2.82 -8.99 0.53
N LEU A 29 -2.03 -9.85 1.14
CA LEU A 29 -2.51 -11.15 1.57
C LEU A 29 -3.50 -11.00 2.72
N SER A 30 -3.14 -10.19 3.71
CA SER A 30 -4.00 -9.96 4.86
C SER A 30 -5.38 -9.47 4.41
N ALA A 31 -5.40 -8.54 3.46
CA ALA A 31 -6.65 -8.00 2.96
C ALA A 31 -7.44 -9.08 2.21
N LEU A 32 -6.73 -10.11 1.75
CA LEU A 32 -7.37 -11.20 1.03
C LEU A 32 -8.23 -12.04 1.97
N ILE A 33 -7.92 -11.97 3.26
CA ILE A 33 -8.66 -12.73 4.26
C ILE A 33 -10.06 -12.13 4.46
N VAL A 34 -10.09 -10.90 4.95
CA VAL A 34 -11.36 -10.22 5.19
C VAL A 34 -11.28 -8.76 4.75
N GLY A 35 -12.39 -8.23 4.23
CA GLY A 35 -12.43 -6.85 3.78
C GLY A 35 -12.15 -6.75 2.29
#